data_5CCU
#
_entry.id   5CCU
#
_cell.length_a   192.841
_cell.length_b   48.980
_cell.length_c   120.304
_cell.angle_alpha   90.00
_cell.angle_beta   114.30
_cell.angle_gamma   90.00
#
_symmetry.space_group_name_H-M   'C 1 2 1'
#
loop_
_entity.id
_entity.type
_entity.pdbx_description
1 polymer 'Putative secreted endoglycosylceramidase'
2 non-polymer 1,2-ETHANEDIOL
3 non-polymer 'SODIUM ION'
4 water water
#
_entity_poly.entity_id   1
_entity_poly.type   'polypeptide(L)'
_entity_poly.pdbx_seq_one_letter_code
;MGSSHHHHHHSSGLVPRGSHMASMTGGQQMGRGSAPPATPITTLQADGTHLVDGYGRTVLLHGVNNVDKDAPYLPAGETL
TPQDIDILVRHGFNTVRLGTSFDALMPQRGQIDEAYLDRLTGVVDALTARGMHVLLDNHQDGLSKAWGGNGFPEWAIESR
PREWEPNPGFPLYYLMPSLNAGWDEVWGNTHGALDHLGTALGALAERVEGKPGVMGIELLNEPWPGSRFLSCFPNGCPDF
DRTYQAAMQKLTDAVRAQNPTIPVYWEPNVTWNQMMPSNLFAPPVTPALTTADVVFAPHDYCIPSQLAIYLGLPQALRGL
CVPQQDLTWSNIDAITERANVPTVITEFGDGDPTVLKNTLARADERFIGWQYWHFGAGNATDPFLGEVGRQLVRTYPQAT
AGEPGRMIFDADNGDFAYRFTPRAATRPTEIFVSDLHYPDGYAVQVDGGQVTSAPGARIVTVVADGSGPVTVKINRPGSA
GAEVPDGPIETSSSGSSGSS
;
_entity_poly.pdbx_strand_id   A,B
#
loop_
_chem_comp.id
_chem_comp.type
_chem_comp.name
_chem_comp.formula
EDO non-polymer 1,2-ETHANEDIOL 'C2 H6 O2'
NA non-polymer 'SODIUM ION' 'Na 1'
#
# COMPACT_ATOMS: atom_id res chain seq x y z
N PRO A 37 -9.48 -43.85 -21.47
CA PRO A 37 -9.01 -43.52 -22.82
C PRO A 37 -8.98 -42.02 -23.05
N ALA A 38 -7.85 -41.40 -22.74
CA ALA A 38 -7.74 -39.94 -22.76
C ALA A 38 -7.83 -39.35 -24.16
N THR A 39 -8.42 -38.16 -24.26
CA THR A 39 -8.44 -37.40 -25.50
C THR A 39 -7.00 -36.98 -25.81
N PRO A 40 -6.52 -37.23 -27.03
CA PRO A 40 -5.19 -36.73 -27.37
C PRO A 40 -5.13 -35.21 -27.31
N ILE A 41 -4.05 -34.70 -26.72
CA ILE A 41 -3.90 -33.27 -26.50
C ILE A 41 -3.57 -32.62 -27.83
N THR A 42 -4.09 -31.42 -28.05
CA THR A 42 -3.89 -30.73 -29.32
C THR A 42 -3.35 -29.34 -29.06
N THR A 43 -2.94 -28.68 -30.14
CA THR A 43 -2.60 -27.27 -30.11
C THR A 43 -3.85 -26.47 -29.75
N LEU A 44 -3.63 -25.26 -29.24
CA LEU A 44 -4.70 -24.32 -28.99
C LEU A 44 -4.48 -23.09 -29.86
N GLN A 45 -5.58 -22.59 -30.42
CA GLN A 45 -5.53 -21.47 -31.35
C GLN A 45 -6.49 -20.38 -30.90
N ALA A 46 -6.00 -19.14 -30.87
CA ALA A 46 -6.84 -18.01 -30.53
C ALA A 46 -7.84 -17.77 -31.66
N ASP A 47 -9.12 -17.76 -31.30
CA ASP A 47 -10.19 -17.37 -32.20
C ASP A 47 -10.97 -16.28 -31.50
N GLY A 48 -10.70 -15.02 -31.87
CA GLY A 48 -11.20 -13.88 -31.11
C GLY A 48 -10.71 -14.00 -29.69
N THR A 49 -11.64 -13.96 -28.73
CA THR A 49 -11.30 -14.06 -27.32
C THR A 49 -11.26 -15.49 -26.77
N HIS A 50 -11.52 -16.50 -27.60
CA HIS A 50 -11.52 -17.90 -27.15
C HIS A 50 -10.25 -18.63 -27.55
N LEU A 51 -9.91 -19.67 -26.79
CA LEU A 51 -8.90 -20.65 -27.19
C LEU A 51 -9.63 -21.91 -27.64
N VAL A 52 -9.36 -22.34 -28.87
CA VAL A 52 -10.04 -23.51 -29.44
C VAL A 52 -9.06 -24.65 -29.69
N ASP A 53 -9.48 -25.87 -29.39
CA ASP A 53 -8.63 -27.05 -29.61
C ASP A 53 -8.76 -27.58 -31.03
N GLY A 54 -8.03 -28.66 -31.32
CA GLY A 54 -8.04 -29.26 -32.65
C GLY A 54 -9.34 -29.97 -33.03
N TYR A 55 -10.22 -30.16 -32.06
CA TYR A 55 -11.54 -30.78 -32.30
C TYR A 55 -12.64 -29.74 -32.48
N GLY A 56 -12.26 -28.46 -32.41
CA GLY A 56 -13.22 -27.36 -32.59
C GLY A 56 -13.91 -26.95 -31.31
N ARG A 57 -13.39 -27.37 -30.17
CA ARG A 57 -14.00 -27.06 -28.87
C ARG A 57 -13.33 -25.86 -28.22
N THR A 58 -14.12 -25.11 -27.48
CA THR A 58 -13.64 -23.95 -26.72
C THR A 58 -13.10 -24.45 -25.38
N VAL A 59 -11.83 -24.13 -25.11
CA VAL A 59 -11.10 -24.71 -23.99
C VAL A 59 -11.02 -23.74 -22.80
N LEU A 60 -11.19 -24.28 -21.60
CA LEU A 60 -11.00 -23.52 -20.37
C LEU A 60 -9.84 -24.17 -19.61
N LEU A 61 -8.82 -23.38 -19.31
CA LEU A 61 -7.61 -23.89 -18.67
C LEU A 61 -7.56 -23.49 -17.20
N HIS A 62 -7.49 -24.48 -16.31
CA HIS A 62 -7.22 -24.25 -14.90
C HIS A 62 -5.96 -25.02 -14.53
N GLY A 63 -5.00 -24.36 -13.91
CA GLY A 63 -3.77 -25.03 -13.51
C GLY A 63 -2.90 -24.25 -12.57
N VAL A 64 -1.60 -24.53 -12.64
CA VAL A 64 -0.65 -24.05 -11.64
C VAL A 64 0.64 -23.56 -12.28
N ASN A 65 1.44 -22.88 -11.47
CA ASN A 65 2.75 -22.41 -11.83
C ASN A 65 3.80 -23.33 -11.20
N ASN A 66 4.81 -23.69 -11.96
CA ASN A 66 5.92 -24.47 -11.44
C ASN A 66 7.18 -23.86 -12.02
N VAL A 67 7.88 -23.10 -11.20
CA VAL A 67 9.04 -22.37 -11.64
C VAL A 67 10.29 -22.58 -10.80
N ASP A 68 11.38 -22.97 -11.44
CA ASP A 68 12.65 -23.12 -10.75
C ASP A 68 13.46 -21.85 -10.97
N LYS A 69 13.66 -21.09 -9.90
CA LYS A 69 14.29 -19.77 -10.00
C LYS A 69 15.82 -19.77 -9.86
N ASP A 70 16.38 -20.86 -9.35
CA ASP A 70 17.79 -20.87 -8.96
C ASP A 70 18.63 -21.88 -9.75
N ALA A 71 19.79 -21.47 -10.23
CA ALA A 71 20.73 -22.40 -10.84
C ALA A 71 21.26 -23.30 -9.73
N PRO A 72 21.53 -24.58 -10.01
CA PRO A 72 21.36 -25.22 -11.33
C PRO A 72 19.89 -25.38 -11.72
N TYR A 73 19.57 -25.24 -13.00
CA TYR A 73 18.18 -25.22 -13.43
C TYR A 73 17.66 -26.61 -13.84
N LEU A 74 16.52 -27.00 -13.29
CA LEU A 74 15.91 -28.31 -13.53
C LEU A 74 16.91 -29.46 -13.37
N PRO A 75 17.52 -29.58 -12.18
CA PRO A 75 18.48 -30.67 -12.00
C PRO A 75 17.77 -32.00 -11.83
N ALA A 76 18.47 -33.08 -12.16
CA ALA A 76 17.91 -34.43 -12.04
C ALA A 76 17.43 -34.67 -10.61
N GLY A 77 16.19 -35.14 -10.48
CA GLY A 77 15.63 -35.46 -9.17
C GLY A 77 14.94 -34.33 -8.43
N GLU A 78 15.02 -33.11 -8.96
CA GLU A 78 14.38 -31.96 -8.32
C GLU A 78 13.28 -31.33 -9.18
N THR A 79 12.85 -32.05 -10.22
CA THR A 79 11.76 -31.60 -11.08
C THR A 79 10.50 -32.35 -10.70
N LEU A 80 9.38 -31.97 -11.30
CA LEU A 80 8.09 -32.59 -11.00
C LEU A 80 8.18 -34.11 -11.12
N THR A 81 7.76 -34.81 -10.09
CA THR A 81 7.78 -36.27 -10.06
C THR A 81 6.53 -36.82 -10.72
N PRO A 82 6.54 -38.13 -11.07
CA PRO A 82 5.31 -38.80 -11.51
C PRO A 82 4.16 -38.62 -10.52
N GLN A 83 4.48 -38.65 -9.24
CA GLN A 83 3.53 -38.43 -8.17
C GLN A 83 2.93 -37.02 -8.14
N ASP A 84 3.77 -36.01 -8.31
CA ASP A 84 3.33 -34.61 -8.40
C ASP A 84 2.32 -34.44 -9.51
N ILE A 85 2.65 -35.00 -10.67
CA ILE A 85 1.83 -34.87 -11.86
C ILE A 85 0.50 -35.61 -11.70
N ASP A 86 0.52 -36.76 -11.02
CA ASP A 86 -0.72 -37.47 -10.72
C ASP A 86 -1.64 -36.62 -9.84
N ILE A 87 -1.07 -35.85 -8.93
CA ILE A 87 -1.86 -34.94 -8.09
C ILE A 87 -2.62 -33.92 -8.96
N LEU A 88 -1.94 -33.37 -9.95
CA LEU A 88 -2.54 -32.38 -10.85
C LEU A 88 -3.64 -33.02 -11.71
N VAL A 89 -3.39 -34.23 -12.18
CA VAL A 89 -4.38 -34.98 -12.96
C VAL A 89 -5.58 -35.35 -12.09
N ARG A 90 -5.30 -35.84 -10.90
CA ARG A 90 -6.35 -36.21 -9.92
C ARG A 90 -7.32 -35.06 -9.66
N HIS A 91 -6.80 -33.85 -9.54
CA HIS A 91 -7.64 -32.68 -9.25
C HIS A 91 -8.10 -31.92 -10.50
N GLY A 92 -7.87 -32.50 -11.67
CA GLY A 92 -8.49 -32.03 -12.91
C GLY A 92 -7.86 -30.82 -13.56
N PHE A 93 -6.64 -30.49 -13.17
CA PHE A 93 -5.92 -29.37 -13.75
C PHE A 93 -5.45 -29.78 -15.15
N ASN A 94 -5.50 -28.84 -16.09
CA ASN A 94 -5.15 -29.13 -17.48
C ASN A 94 -4.11 -28.17 -18.06
N THR A 95 -3.38 -27.46 -17.20
CA THR A 95 -2.34 -26.55 -17.66
C THR A 95 -1.25 -26.32 -16.59
N VAL A 96 -0.02 -26.18 -17.04
CA VAL A 96 1.09 -25.79 -16.16
C VAL A 96 1.85 -24.64 -16.81
N ARG A 97 2.02 -23.56 -16.06
CA ARG A 97 2.93 -22.50 -16.47
C ARG A 97 4.30 -22.87 -15.96
N LEU A 98 5.19 -23.26 -16.87
CA LEU A 98 6.47 -23.82 -16.53
C LEU A 98 7.58 -22.78 -16.75
N GLY A 99 8.31 -22.49 -15.68
CA GLY A 99 9.35 -21.48 -15.73
C GLY A 99 10.54 -21.88 -16.58
N THR A 100 10.97 -20.98 -17.45
CA THR A 100 12.30 -21.03 -18.02
C THR A 100 12.91 -19.64 -17.79
N SER A 101 14.10 -19.41 -18.31
CA SER A 101 14.71 -18.09 -18.20
C SER A 101 15.85 -17.88 -19.18
N PHE A 102 16.16 -16.61 -19.37
CA PHE A 102 17.29 -16.13 -20.17
C PHE A 102 18.59 -16.74 -19.62
N ASP A 103 18.75 -16.71 -18.30
CA ASP A 103 19.95 -17.26 -17.66
C ASP A 103 20.11 -18.76 -17.91
N ALA A 104 19.01 -19.51 -17.81
CA ALA A 104 19.04 -20.95 -18.03
C ALA A 104 19.31 -21.28 -19.50
N LEU A 105 18.68 -20.53 -20.40
CA LEU A 105 18.82 -20.76 -21.84
C LEU A 105 20.19 -20.34 -22.38
N MET A 106 20.71 -19.22 -21.90
CA MET A 106 21.97 -18.68 -22.40
C MET A 106 22.86 -18.21 -21.25
N PRO A 107 23.46 -19.17 -20.51
CA PRO A 107 24.24 -18.83 -19.31
C PRO A 107 25.60 -18.16 -19.58
N GLN A 108 26.09 -18.22 -20.82
CA GLN A 108 27.27 -17.47 -21.24
C GLN A 108 26.94 -16.69 -22.52
N ARG A 109 27.61 -15.55 -22.70
CA ARG A 109 27.32 -14.68 -23.84
C ARG A 109 27.24 -15.44 -25.17
N GLY A 110 26.06 -15.41 -25.78
CA GLY A 110 25.83 -16.01 -27.09
C GLY A 110 25.89 -17.53 -27.17
N GLN A 111 25.89 -18.21 -26.03
CA GLN A 111 26.00 -19.68 -26.01
C GLN A 111 24.76 -20.31 -25.41
N ILE A 112 23.99 -21.01 -26.25
CA ILE A 112 22.79 -21.71 -25.79
C ILE A 112 23.18 -22.99 -25.05
N ASP A 113 22.60 -23.18 -23.87
CA ASP A 113 22.80 -24.39 -23.09
C ASP A 113 21.85 -25.48 -23.58
N GLU A 114 22.35 -26.34 -24.46
CA GLU A 114 21.56 -27.39 -25.08
C GLU A 114 21.19 -28.47 -24.08
N ALA A 115 22.09 -28.73 -23.13
CA ALA A 115 21.83 -29.68 -22.06
C ALA A 115 20.65 -29.23 -21.19
N TYR A 116 20.56 -27.93 -20.93
CA TYR A 116 19.42 -27.40 -20.19
C TYR A 116 18.12 -27.62 -20.97
N LEU A 117 18.16 -27.33 -22.27
CA LEU A 117 17.00 -27.56 -23.13
C LEU A 117 16.55 -29.03 -23.14
N ASP A 118 17.51 -29.96 -23.05
CA ASP A 118 17.17 -31.39 -22.92
C ASP A 118 16.37 -31.65 -21.65
N ARG A 119 16.80 -31.07 -20.54
CA ARG A 119 16.10 -31.26 -19.26
C ARG A 119 14.71 -30.60 -19.27
N LEU A 120 14.62 -29.38 -19.80
CA LEU A 120 13.35 -28.67 -19.91
C LEU A 120 12.34 -29.44 -20.76
N THR A 121 12.79 -29.93 -21.91
CA THR A 121 11.97 -30.75 -22.80
C THR A 121 11.48 -32.02 -22.10
N GLY A 122 12.33 -32.61 -21.27
CA GLY A 122 11.95 -33.77 -20.47
C GLY A 122 10.77 -33.49 -19.57
N VAL A 123 10.77 -32.31 -18.93
CA VAL A 123 9.66 -31.94 -18.06
C VAL A 123 8.40 -31.65 -18.89
N VAL A 124 8.57 -30.90 -19.99
CA VAL A 124 7.45 -30.57 -20.87
C VAL A 124 6.74 -31.86 -21.34
N ASP A 125 7.52 -32.79 -21.86
CA ASP A 125 7.01 -34.07 -22.34
C ASP A 125 6.26 -34.88 -21.27
N ALA A 126 6.77 -34.88 -20.04
CA ALA A 126 6.11 -35.56 -18.93
C ALA A 126 4.74 -34.96 -18.65
N LEU A 127 4.63 -33.64 -18.74
CA LEU A 127 3.37 -32.94 -18.49
C LEU A 127 2.36 -33.12 -19.63
N THR A 128 2.80 -32.96 -20.87
CA THR A 128 1.91 -33.05 -22.03
C THR A 128 1.38 -34.48 -22.23
N ALA A 129 2.18 -35.47 -21.85
CA ALA A 129 1.77 -36.88 -21.91
C ALA A 129 0.54 -37.16 -21.05
N ARG A 130 0.36 -36.36 -19.99
CA ARG A 130 -0.75 -36.52 -19.05
C ARG A 130 -1.83 -35.45 -19.24
N GLY A 131 -1.88 -34.84 -20.41
CA GLY A 131 -2.95 -33.92 -20.78
C GLY A 131 -2.78 -32.48 -20.31
N MET A 132 -1.58 -32.11 -19.88
CA MET A 132 -1.33 -30.75 -19.39
C MET A 132 -0.82 -29.87 -20.52
N HIS A 133 -1.55 -28.79 -20.78
CA HIS A 133 -1.06 -27.74 -21.68
C HIS A 133 0.04 -26.96 -20.98
N VAL A 134 1.22 -26.89 -21.59
CA VAL A 134 2.37 -26.25 -20.95
C VAL A 134 2.64 -24.87 -21.56
N LEU A 135 2.54 -23.84 -20.72
CA LEU A 135 2.93 -22.48 -21.11
C LEU A 135 4.36 -22.24 -20.63
N LEU A 136 5.24 -21.93 -21.56
CA LEU A 136 6.63 -21.69 -21.22
C LEU A 136 6.81 -20.22 -20.86
N ASP A 137 7.09 -19.98 -19.58
CA ASP A 137 7.24 -18.63 -19.07
C ASP A 137 8.72 -18.21 -18.93
N ASN A 138 9.07 -17.14 -19.61
CA ASN A 138 10.40 -16.58 -19.57
C ASN A 138 10.36 -15.73 -18.31
N HIS A 139 10.62 -16.40 -17.20
CA HIS A 139 10.54 -15.82 -15.89
C HIS A 139 11.69 -14.97 -15.40
N GLN A 140 11.32 -13.98 -14.58
CA GLN A 140 12.25 -13.11 -13.90
C GLN A 140 11.60 -12.43 -12.71
N ASP A 141 12.40 -12.16 -11.68
CA ASP A 141 11.98 -11.29 -10.57
C ASP A 141 13.19 -10.46 -10.20
N GLY A 142 13.02 -9.15 -10.07
CA GLY A 142 14.14 -8.26 -9.78
C GLY A 142 15.29 -8.37 -10.76
N LEU A 143 14.95 -8.57 -12.03
CA LEU A 143 15.90 -8.56 -13.15
C LEU A 143 16.92 -9.71 -13.20
N SER A 144 17.71 -9.88 -12.13
CA SER A 144 18.83 -10.81 -12.17
C SER A 144 19.26 -11.28 -10.78
N LYS A 145 20.14 -12.28 -10.78
CA LYS A 145 20.76 -12.78 -9.55
C LYS A 145 21.61 -11.71 -8.86
N ALA A 146 22.10 -10.75 -9.62
CA ALA A 146 22.90 -9.64 -9.08
C ALA A 146 22.18 -8.86 -7.97
N TRP A 147 20.87 -8.79 -8.06
CA TRP A 147 20.02 -8.13 -7.07
C TRP A 147 19.34 -9.10 -6.10
N GLY A 148 19.71 -10.36 -6.16
CA GLY A 148 19.09 -11.39 -5.34
C GLY A 148 17.79 -11.93 -5.94
N GLY A 149 17.55 -11.56 -7.19
CA GLY A 149 16.43 -12.03 -7.96
C GLY A 149 16.87 -13.10 -8.95
N ASN A 150 16.11 -13.23 -10.03
CA ASN A 150 16.36 -14.18 -11.08
C ASN A 150 15.94 -13.64 -12.44
N GLY A 151 16.46 -14.30 -13.48
CA GLY A 151 15.98 -14.16 -14.83
C GLY A 151 17.05 -13.85 -15.84
N PHE A 152 17.44 -12.60 -15.93
CA PHE A 152 18.48 -12.20 -16.85
C PHE A 152 19.83 -12.66 -16.35
N PRO A 153 20.67 -13.12 -17.25
CA PRO A 153 22.03 -13.55 -16.90
C PRO A 153 22.86 -12.31 -16.58
N GLU A 154 23.75 -12.44 -15.62
CA GLU A 154 24.60 -11.34 -15.19
C GLU A 154 25.48 -10.81 -16.31
N TRP A 155 25.99 -11.69 -17.17
CA TRP A 155 26.82 -11.25 -18.30
C TRP A 155 26.13 -10.25 -19.23
N ALA A 156 24.79 -10.30 -19.28
CA ALA A 156 24.00 -9.49 -20.22
C ALA A 156 23.64 -8.09 -19.70
N ILE A 157 23.91 -7.80 -18.44
CA ILE A 157 23.59 -6.50 -17.83
C ILE A 157 24.84 -5.90 -17.20
N GLU A 158 25.08 -4.63 -17.50
CA GLU A 158 26.25 -3.91 -16.97
C GLU A 158 26.02 -3.44 -15.54
N SER A 159 24.82 -2.93 -15.27
CA SER A 159 24.52 -2.32 -13.97
C SER A 159 24.65 -3.33 -12.83
N ARG A 160 25.16 -2.86 -11.70
CA ARG A 160 25.29 -3.66 -10.48
C ARG A 160 24.90 -2.82 -9.27
N PRO A 161 24.37 -3.44 -8.24
CA PRO A 161 24.06 -2.70 -7.02
C PRO A 161 25.34 -2.42 -6.23
N ARG A 162 25.42 -1.27 -5.59
CA ARG A 162 26.55 -0.90 -4.75
C ARG A 162 26.35 -1.51 -3.36
N GLU A 163 27.43 -1.59 -2.61
CA GLU A 163 27.42 -2.14 -1.27
C GLU A 163 26.50 -1.32 -0.39
N TRP A 164 26.48 -0.03 -0.62
CA TRP A 164 25.62 0.90 0.12
C TRP A 164 24.10 0.92 -0.15
N GLU A 165 23.65 0.60 -1.35
CA GLU A 165 22.21 0.68 -1.62
C GLU A 165 21.43 -0.42 -0.93
N PRO A 166 20.46 -0.01 -0.10
CA PRO A 166 19.67 -1.01 0.61
C PRO A 166 18.93 -1.93 -0.36
N ASN A 167 18.93 -3.22 -0.06
CA ASN A 167 18.19 -4.20 -0.84
C ASN A 167 17.17 -4.90 0.03
N PRO A 168 15.89 -4.48 -0.07
CA PRO A 168 14.82 -5.08 0.72
C PRO A 168 14.28 -6.39 0.12
N GLY A 169 14.85 -6.83 -1.00
CA GLY A 169 14.37 -8.03 -1.68
C GLY A 169 13.01 -7.80 -2.31
N PHE A 170 12.33 -8.90 -2.62
CA PHE A 170 11.04 -8.86 -3.30
C PHE A 170 9.94 -8.32 -2.40
N PRO A 171 9.08 -7.41 -2.91
CA PRO A 171 9.06 -6.78 -4.23
C PRO A 171 9.69 -5.37 -4.27
N LEU A 172 10.08 -4.85 -3.13
CA LEU A 172 10.63 -3.49 -3.05
C LEU A 172 11.95 -3.23 -3.77
N TYR A 173 12.68 -4.27 -4.14
CA TYR A 173 13.94 -4.07 -4.81
C TYR A 173 13.75 -3.39 -6.17
N TYR A 174 12.53 -3.43 -6.67
CA TYR A 174 12.22 -2.78 -7.93
C TYR A 174 12.49 -1.26 -7.80
N LEU A 175 12.52 -0.72 -6.59
CA LEU A 175 12.82 0.69 -6.34
C LEU A 175 14.31 1.02 -6.18
N MET A 176 15.19 0.01 -6.25
CA MET A 176 16.64 0.25 -6.19
C MET A 176 17.12 0.95 -7.46
N PRO A 177 17.93 2.03 -7.32
CA PRO A 177 18.39 2.77 -8.51
C PRO A 177 19.20 1.93 -9.51
N SER A 178 20.08 1.06 -9.01
CA SER A 178 20.91 0.22 -9.90
C SER A 178 20.06 -0.79 -10.68
N LEU A 179 19.06 -1.36 -10.03
CA LEU A 179 18.15 -2.28 -10.68
C LEU A 179 17.37 -1.54 -11.78
N ASN A 180 16.97 -0.30 -11.52
CA ASN A 180 16.28 0.53 -12.50
C ASN A 180 17.13 0.83 -13.74
N ALA A 181 18.40 1.16 -13.50
CA ALA A 181 19.34 1.37 -14.61
C ALA A 181 19.56 0.07 -15.38
N GLY A 182 19.48 -1.07 -14.69
CA GLY A 182 19.46 -2.37 -15.34
C GLY A 182 18.34 -2.51 -16.36
N TRP A 183 17.13 -2.17 -15.97
CA TRP A 183 15.98 -2.23 -16.87
C TRP A 183 16.06 -1.23 -18.03
N ASP A 184 16.68 -0.08 -17.78
CA ASP A 184 16.91 0.91 -18.83
C ASP A 184 17.78 0.34 -19.95
N GLU A 185 18.79 -0.45 -19.58
CA GLU A 185 19.63 -1.15 -20.56
C GLU A 185 18.82 -2.09 -21.43
N VAL A 186 17.85 -2.77 -20.81
CA VAL A 186 16.99 -3.73 -21.51
C VAL A 186 16.10 -3.02 -22.53
N TRP A 187 15.37 -2.00 -22.08
CA TRP A 187 14.40 -1.30 -22.95
C TRP A 187 15.09 -0.42 -23.99
N GLY A 188 16.29 0.06 -23.67
CA GLY A 188 17.10 0.80 -24.64
C GLY A 188 17.94 -0.12 -25.52
N ASN A 189 18.00 -1.40 -25.19
CA ASN A 189 18.87 -2.37 -25.88
C ASN A 189 20.29 -1.84 -25.98
N THR A 190 20.75 -1.20 -24.90
CA THR A 190 22.02 -0.46 -24.87
C THR A 190 23.23 -1.36 -25.13
N HIS A 191 23.18 -2.58 -24.63
CA HIS A 191 24.26 -3.55 -24.84
C HIS A 191 23.74 -4.85 -25.45
N GLY A 192 22.66 -4.74 -26.22
CA GLY A 192 22.14 -5.87 -27.00
C GLY A 192 21.47 -6.98 -26.22
N ALA A 193 20.97 -6.67 -25.02
CA ALA A 193 20.30 -7.67 -24.18
C ALA A 193 19.04 -8.23 -24.85
N LEU A 194 18.25 -7.36 -25.48
CA LEU A 194 17.06 -7.80 -26.19
C LEU A 194 17.40 -8.67 -27.40
N ASP A 195 18.47 -8.32 -28.12
CA ASP A 195 18.95 -9.13 -29.25
C ASP A 195 19.27 -10.54 -28.78
N HIS A 196 20.05 -10.65 -27.71
CA HIS A 196 20.42 -11.95 -27.13
C HIS A 196 19.20 -12.69 -26.60
N LEU A 197 18.29 -11.98 -25.95
CA LEU A 197 17.06 -12.59 -25.46
C LEU A 197 16.24 -13.19 -26.61
N GLY A 198 16.16 -12.46 -27.73
CA GLY A 198 15.47 -12.94 -28.91
C GLY A 198 16.06 -14.24 -29.43
N THR A 199 17.39 -14.33 -29.42
CA THR A 199 18.09 -15.55 -29.81
C THR A 199 17.77 -16.70 -28.86
N ALA A 200 17.74 -16.41 -27.57
CA ALA A 200 17.45 -17.41 -26.55
C ALA A 200 16.04 -17.99 -26.69
N LEU A 201 15.05 -17.10 -26.83
CA LEU A 201 13.65 -17.52 -26.98
C LEU A 201 13.43 -18.20 -28.32
N GLY A 202 14.14 -17.74 -29.34
CA GLY A 202 14.16 -18.39 -30.64
C GLY A 202 14.64 -19.82 -30.57
N ALA A 203 15.68 -20.06 -29.77
CA ALA A 203 16.23 -21.41 -29.57
C ALA A 203 15.21 -22.30 -28.84
N LEU A 204 14.57 -21.73 -27.83
CA LEU A 204 13.51 -22.43 -27.10
C LEU A 204 12.35 -22.77 -28.01
N ALA A 205 11.89 -21.78 -28.77
CA ALA A 205 10.82 -21.96 -29.74
C ALA A 205 11.14 -23.08 -30.74
N GLU A 206 12.38 -23.09 -31.23
CA GLU A 206 12.84 -24.12 -32.18
C GLU A 206 12.81 -25.51 -31.55
N ARG A 207 13.23 -25.63 -30.30
CA ARG A 207 13.32 -26.92 -29.61
C ARG A 207 11.95 -27.55 -29.33
N VAL A 208 10.93 -26.73 -29.09
CA VAL A 208 9.59 -27.24 -28.79
C VAL A 208 8.68 -27.30 -30.01
N GLU A 209 9.20 -26.92 -31.17
CA GLU A 209 8.42 -26.91 -32.40
C GLU A 209 7.88 -28.31 -32.67
N GLY A 210 6.59 -28.40 -33.01
CA GLY A 210 5.96 -29.68 -33.28
C GLY A 210 5.29 -30.37 -32.10
N LYS A 211 5.49 -29.87 -30.88
CA LYS A 211 4.84 -30.44 -29.70
C LYS A 211 3.47 -29.81 -29.48
N PRO A 212 2.39 -30.56 -29.76
CA PRO A 212 1.06 -29.95 -29.71
C PRO A 212 0.65 -29.47 -28.31
N GLY A 213 1.18 -30.10 -27.26
CA GLY A 213 0.85 -29.76 -25.89
C GLY A 213 1.46 -28.48 -25.35
N VAL A 214 2.42 -27.89 -26.07
CA VAL A 214 2.94 -26.58 -25.73
C VAL A 214 1.93 -25.52 -26.16
N MET A 215 1.33 -24.82 -25.19
CA MET A 215 0.31 -23.82 -25.48
C MET A 215 0.87 -22.46 -25.89
N GLY A 216 2.15 -22.20 -25.59
CA GLY A 216 2.79 -20.96 -26.01
C GLY A 216 4.08 -20.60 -25.29
N ILE A 217 4.64 -19.45 -25.64
CA ILE A 217 5.78 -18.85 -24.94
C ILE A 217 5.35 -17.48 -24.40
N GLU A 218 5.52 -17.29 -23.10
CA GLU A 218 5.24 -16.02 -22.45
C GLU A 218 6.53 -15.22 -22.41
N LEU A 219 6.54 -14.08 -23.07
CA LEU A 219 7.79 -13.42 -23.48
C LEU A 219 8.61 -12.84 -22.33
N LEU A 220 7.94 -12.33 -21.31
CA LEU A 220 8.64 -11.84 -20.12
C LEU A 220 7.71 -11.70 -18.92
N ASN A 221 8.12 -12.26 -17.79
CA ASN A 221 7.36 -12.15 -16.55
C ASN A 221 7.57 -10.77 -15.91
N GLU A 222 6.47 -10.16 -15.51
CA GLU A 222 6.46 -8.92 -14.73
C GLU A 222 7.49 -7.86 -15.14
N PRO A 223 7.38 -7.35 -16.38
CA PRO A 223 8.33 -6.36 -16.90
C PRO A 223 8.24 -5.01 -16.19
N TRP A 224 9.35 -4.57 -15.62
CA TRP A 224 9.42 -3.29 -14.91
C TRP A 224 9.86 -2.20 -15.88
N PRO A 225 9.20 -1.02 -15.85
CA PRO A 225 9.55 0.03 -16.82
C PRO A 225 10.89 0.75 -16.62
N GLY A 226 11.59 0.47 -15.52
CA GLY A 226 12.88 1.08 -15.29
C GLY A 226 12.73 2.47 -14.71
N SER A 227 13.73 3.32 -14.97
CA SER A 227 13.88 4.63 -14.30
C SER A 227 12.74 5.61 -14.50
N ARG A 228 11.96 5.44 -15.56
CA ARG A 228 10.84 6.32 -15.81
C ARG A 228 9.51 5.66 -15.42
N PHE A 229 9.55 4.80 -14.40
CA PHE A 229 8.35 4.14 -13.90
C PHE A 229 7.32 5.12 -13.30
N LEU A 230 7.76 6.25 -12.76
CA LEU A 230 6.83 7.23 -12.17
C LEU A 230 5.91 7.88 -13.19
N SER A 231 6.31 7.85 -14.47
CA SER A 231 5.45 8.34 -15.54
C SER A 231 4.22 7.44 -15.76
N CYS A 232 4.23 6.23 -15.20
CA CYS A 232 3.08 5.33 -15.24
C CYS A 232 1.99 5.67 -14.21
N PHE A 233 2.28 6.56 -13.28
CA PHE A 233 1.33 6.97 -12.25
C PHE A 233 0.94 8.43 -12.46
N PRO A 234 -0.33 8.79 -12.18
CA PRO A 234 -1.40 8.00 -11.59
C PRO A 234 -2.36 7.30 -12.57
N ASN A 235 -2.12 7.39 -13.88
CA ASN A 235 -3.05 6.80 -14.84
C ASN A 235 -2.38 6.20 -16.08
N GLY A 236 -1.28 5.48 -15.86
CA GLY A 236 -0.63 4.73 -16.93
C GLY A 236 0.41 5.50 -17.71
N CYS A 237 1.18 4.77 -18.51
CA CYS A 237 2.30 5.33 -19.27
C CYS A 237 2.22 4.95 -20.75
N PRO A 238 1.49 5.75 -21.56
CA PRO A 238 1.42 5.56 -23.02
C PRO A 238 2.76 5.46 -23.74
N ASP A 239 3.67 6.40 -23.49
CA ASP A 239 4.98 6.40 -24.12
C ASP A 239 5.82 5.18 -23.80
N PHE A 240 5.89 4.79 -22.53
CA PHE A 240 6.65 3.59 -22.17
C PHE A 240 6.01 2.36 -22.80
N ASP A 241 4.69 2.25 -22.72
CA ASP A 241 3.99 1.10 -23.31
C ASP A 241 4.24 0.97 -24.82
N ARG A 242 4.48 2.09 -25.51
CA ARG A 242 4.89 2.06 -26.91
C ARG A 242 6.26 1.39 -27.05
N THR A 243 7.21 1.83 -26.21
CA THR A 243 8.54 1.21 -26.15
C THR A 243 8.41 -0.27 -25.79
N TYR A 244 7.60 -0.56 -24.77
CA TYR A 244 7.41 -1.94 -24.31
C TYR A 244 6.78 -2.81 -25.41
N GLN A 245 5.74 -2.31 -26.06
CA GLN A 245 5.09 -3.07 -27.14
C GLN A 245 6.03 -3.35 -28.31
N ALA A 246 6.88 -2.38 -28.64
CA ALA A 246 7.88 -2.55 -29.69
C ALA A 246 8.89 -3.65 -29.32
N ALA A 247 9.27 -3.68 -28.05
CA ALA A 247 10.21 -4.70 -27.56
C ALA A 247 9.58 -6.09 -27.60
N MET A 248 8.32 -6.19 -27.21
CA MET A 248 7.63 -7.47 -27.23
C MET A 248 7.40 -7.94 -28.67
N GLN A 249 7.14 -7.00 -29.57
CA GLN A 249 6.98 -7.32 -31.00
C GLN A 249 8.27 -7.90 -31.55
N LYS A 250 9.40 -7.29 -31.17
CA LYS A 250 10.71 -7.77 -31.58
C LYS A 250 10.97 -9.19 -31.09
N LEU A 251 10.66 -9.47 -29.83
CA LEU A 251 10.82 -10.81 -29.28
C LEU A 251 9.86 -11.80 -29.97
N THR A 252 8.65 -11.34 -30.28
CA THR A 252 7.68 -12.16 -31.01
C THR A 252 8.22 -12.54 -32.40
N ASP A 253 8.79 -11.55 -33.09
CA ASP A 253 9.36 -11.78 -34.42
C ASP A 253 10.53 -12.75 -34.38
N ALA A 254 11.32 -12.69 -33.30
CA ALA A 254 12.44 -13.62 -33.10
C ALA A 254 11.94 -15.05 -32.88
N VAL A 255 10.89 -15.19 -32.06
CA VAL A 255 10.27 -16.49 -31.80
C VAL A 255 9.67 -17.07 -33.08
N ARG A 256 8.89 -16.26 -33.78
CA ARG A 256 8.16 -16.70 -34.97
C ARG A 256 9.08 -17.01 -36.16
N ALA A 257 10.28 -16.42 -36.16
CA ALA A 257 11.29 -16.73 -37.18
C ALA A 257 11.79 -18.17 -37.10
N GLN A 258 11.71 -18.77 -35.90
CA GLN A 258 12.12 -20.15 -35.68
C GLN A 258 10.92 -21.11 -35.61
N ASN A 259 9.79 -20.59 -35.14
CA ASN A 259 8.60 -21.40 -34.94
C ASN A 259 7.38 -20.55 -35.29
N PRO A 260 6.95 -20.61 -36.57
CA PRO A 260 6.01 -19.62 -37.11
C PRO A 260 4.58 -19.66 -36.57
N THR A 261 4.19 -20.72 -35.87
CA THR A 261 2.81 -20.88 -35.41
C THR A 261 2.61 -20.86 -33.88
N ILE A 262 3.70 -20.90 -33.10
CA ILE A 262 3.57 -20.99 -31.64
C ILE A 262 2.91 -19.73 -31.06
N PRO A 263 1.87 -19.91 -30.22
CA PRO A 263 1.27 -18.74 -29.58
C PRO A 263 2.25 -18.00 -28.68
N VAL A 264 2.11 -16.68 -28.62
CA VAL A 264 2.93 -15.86 -27.73
C VAL A 264 2.05 -15.15 -26.72
N TYR A 265 2.53 -15.10 -25.48
CA TYR A 265 1.78 -14.56 -24.35
C TYR A 265 2.45 -13.27 -23.90
N TRP A 266 1.68 -12.19 -23.88
CA TRP A 266 2.18 -10.85 -23.59
C TRP A 266 1.58 -10.34 -22.29
N GLU A 267 2.43 -10.03 -21.32
CA GLU A 267 1.97 -9.42 -20.07
C GLU A 267 1.86 -7.90 -20.21
N PRO A 268 1.02 -7.27 -19.39
CA PRO A 268 1.10 -5.83 -19.26
C PRO A 268 2.35 -5.50 -18.45
N ASN A 269 2.86 -4.28 -18.59
CA ASN A 269 3.99 -3.86 -17.75
C ASN A 269 3.51 -3.92 -16.30
N VAL A 270 4.41 -4.24 -15.38
CA VAL A 270 4.01 -4.68 -14.06
C VAL A 270 3.49 -3.57 -13.12
N THR A 271 3.51 -2.31 -13.55
CA THR A 271 2.79 -1.27 -12.80
C THR A 271 1.29 -1.55 -12.82
N TRP A 272 0.86 -2.42 -13.73
CA TRP A 272 -0.44 -3.11 -13.66
C TRP A 272 -0.77 -3.57 -12.23
N ASN A 273 0.21 -4.18 -11.57
CA ASN A 273 0.04 -4.68 -10.19
C ASN A 273 -0.14 -3.59 -9.14
N GLN A 274 0.14 -2.33 -9.49
CA GLN A 274 -0.19 -1.18 -8.63
C GLN A 274 -1.34 -0.38 -9.23
N MET A 275 -2.30 -1.09 -9.83
CA MET A 275 -3.57 -0.53 -10.31
C MET A 275 -3.47 0.35 -11.56
N MET A 276 -2.30 0.43 -12.19
CA MET A 276 -2.15 1.28 -13.37
C MET A 276 -2.58 0.55 -14.63
N PRO A 277 -3.36 1.21 -15.51
CA PRO A 277 -3.87 0.55 -16.70
C PRO A 277 -2.79 0.31 -17.75
N SER A 278 -3.02 -0.66 -18.62
CA SER A 278 -2.15 -0.91 -19.76
C SER A 278 -2.62 -0.13 -20.99
N ASN A 279 -1.66 0.33 -21.79
CA ASN A 279 -1.93 0.99 -23.07
C ASN A 279 -1.48 0.14 -24.27
N LEU A 280 -1.40 -1.17 -24.07
CA LEU A 280 -1.11 -2.08 -25.17
C LEU A 280 -2.25 -2.08 -26.18
N PHE A 281 -1.91 -2.26 -27.46
CA PHE A 281 -2.87 -2.42 -28.54
C PHE A 281 -3.92 -1.30 -28.55
N ALA A 282 -3.46 -0.06 -28.55
CA ALA A 282 -4.37 1.08 -28.40
C ALA A 282 -4.08 2.18 -29.43
N PRO A 283 -4.33 1.88 -30.72
CA PRO A 283 -4.07 2.90 -31.74
C PRO A 283 -4.95 4.14 -31.54
N PRO A 284 -4.42 5.34 -31.88
CA PRO A 284 -3.14 5.60 -32.53
C PRO A 284 -1.95 5.75 -31.58
N VAL A 285 -2.16 5.58 -30.29
CA VAL A 285 -1.10 5.82 -29.29
C VAL A 285 -0.05 4.71 -29.38
N THR A 286 -0.51 3.47 -29.41
CA THR A 286 0.36 2.32 -29.68
C THR A 286 -0.22 1.52 -30.85
N PRO A 287 0.63 0.80 -31.60
CA PRO A 287 0.12 0.11 -32.79
C PRO A 287 -1.00 -0.89 -32.53
N ALA A 288 -1.89 -1.02 -33.50
CA ALA A 288 -2.88 -2.09 -33.49
C ALA A 288 -2.18 -3.43 -33.53
N LEU A 289 -2.80 -4.44 -32.96
CA LEU A 289 -2.26 -5.79 -32.98
C LEU A 289 -2.40 -6.39 -34.37
N THR A 290 -1.26 -6.66 -35.02
CA THR A 290 -1.23 -7.25 -36.37
C THR A 290 -0.61 -8.64 -36.39
N THR A 291 -0.28 -9.19 -35.21
CA THR A 291 0.29 -10.53 -35.10
C THR A 291 -0.77 -11.49 -34.61
N ALA A 292 -0.88 -12.64 -35.28
CA ALA A 292 -1.87 -13.66 -34.91
C ALA A 292 -1.42 -14.47 -33.70
N ASP A 293 -2.37 -15.12 -33.06
CA ASP A 293 -2.08 -15.95 -31.90
C ASP A 293 -1.33 -15.28 -30.75
N VAL A 294 -1.85 -14.13 -30.34
CA VAL A 294 -1.32 -13.42 -29.19
C VAL A 294 -2.35 -13.49 -28.08
N VAL A 295 -1.89 -13.80 -26.88
CA VAL A 295 -2.77 -13.94 -25.73
C VAL A 295 -2.29 -13.00 -24.63
N PHE A 296 -3.24 -12.35 -23.98
CA PHE A 296 -2.96 -11.40 -22.91
C PHE A 296 -2.77 -12.17 -21.61
N ALA A 297 -1.71 -11.84 -20.86
CA ALA A 297 -1.29 -12.66 -19.72
C ALA A 297 -1.07 -11.82 -18.46
N PRO A 298 -2.13 -11.22 -17.92
CA PRO A 298 -2.01 -10.41 -16.71
C PRO A 298 -1.98 -11.24 -15.44
N HIS A 299 -1.50 -10.65 -14.36
CA HIS A 299 -1.58 -11.25 -13.04
C HIS A 299 -2.71 -10.58 -12.28
N ASP A 300 -3.24 -11.29 -11.28
CA ASP A 300 -4.34 -10.79 -10.48
C ASP A 300 -4.00 -10.98 -9.00
N TYR A 301 -3.26 -10.02 -8.46
CA TYR A 301 -2.86 -10.04 -7.06
C TYR A 301 -3.55 -8.95 -6.26
N CYS A 302 -3.84 -9.24 -5.00
CA CYS A 302 -4.35 -8.24 -4.06
C CYS A 302 -3.14 -7.59 -3.39
N ILE A 303 -3.04 -6.25 -3.51
CA ILE A 303 -1.90 -5.52 -2.94
C ILE A 303 -1.74 -5.76 -1.44
N PRO A 304 -2.80 -5.54 -0.63
CA PRO A 304 -2.64 -5.78 0.81
C PRO A 304 -2.24 -7.23 1.17
N SER A 305 -2.71 -8.20 0.40
CA SER A 305 -2.30 -9.60 0.63
C SER A 305 -0.81 -9.77 0.37
N GLN A 306 -0.33 -9.26 -0.75
CA GLN A 306 1.10 -9.33 -1.07
C GLN A 306 1.95 -8.58 -0.04
N LEU A 307 1.49 -7.41 0.39
CA LEU A 307 2.21 -6.64 1.41
C LEU A 307 2.19 -7.33 2.78
N ALA A 308 1.11 -8.05 3.08
CA ALA A 308 1.05 -8.85 4.30
C ALA A 308 2.10 -9.96 4.26
N ILE A 309 2.23 -10.61 3.10
CA ILE A 309 3.16 -11.73 2.94
C ILE A 309 4.62 -11.29 2.96
N TYR A 310 4.96 -10.25 2.20
CA TYR A 310 6.35 -9.87 1.99
C TYR A 310 6.86 -8.75 2.90
N LEU A 311 5.96 -7.91 3.42
CA LEU A 311 6.33 -6.87 4.38
C LEU A 311 5.87 -7.14 5.81
N GLY A 312 4.94 -8.08 6.00
CA GLY A 312 4.37 -8.35 7.32
C GLY A 312 3.41 -7.28 7.80
N LEU A 313 2.83 -6.52 6.86
CA LEU A 313 1.83 -5.51 7.19
C LEU A 313 0.51 -6.19 7.58
N PRO A 314 -0.37 -5.48 8.32
CA PRO A 314 -1.57 -6.11 8.86
C PRO A 314 -2.44 -6.84 7.85
N GLN A 315 -2.69 -8.13 8.10
CA GLN A 315 -3.54 -8.95 7.24
C GLN A 315 -4.96 -8.39 7.08
N ALA A 316 -5.47 -7.75 8.14
CA ALA A 316 -6.82 -7.17 8.12
C ALA A 316 -7.01 -6.08 7.06
N LEU A 317 -5.91 -5.55 6.51
CA LEU A 317 -5.98 -4.64 5.36
C LEU A 317 -6.52 -5.28 4.09
N ARG A 318 -6.61 -6.61 4.06
CA ARG A 318 -7.18 -7.32 2.91
C ARG A 318 -8.67 -7.05 2.68
N GLY A 319 -9.30 -6.30 3.58
CA GLY A 319 -10.64 -5.76 3.33
C GLY A 319 -10.76 -5.00 2.02
N LEU A 320 -9.67 -4.41 1.54
CA LEU A 320 -9.68 -3.69 0.27
C LEU A 320 -9.42 -4.56 -0.97
N CYS A 321 -9.27 -5.87 -0.81
CA CYS A 321 -8.95 -6.72 -1.96
C CYS A 321 -10.05 -6.68 -3.02
N VAL A 322 -11.31 -6.70 -2.60
CA VAL A 322 -12.44 -6.79 -3.54
C VAL A 322 -12.52 -5.58 -4.49
N PRO A 323 -12.57 -4.35 -3.96
CA PRO A 323 -12.60 -3.22 -4.89
C PRO A 323 -11.35 -3.10 -5.77
N GLN A 324 -10.18 -3.43 -5.24
CA GLN A 324 -8.94 -3.29 -5.98
C GLN A 324 -8.85 -4.34 -7.10
N GLN A 325 -9.20 -5.58 -6.79
CA GLN A 325 -9.21 -6.64 -7.80
C GLN A 325 -10.32 -6.42 -8.83
N ASP A 326 -11.45 -5.85 -8.42
CA ASP A 326 -12.50 -5.44 -9.37
C ASP A 326 -11.96 -4.46 -10.40
N LEU A 327 -11.06 -3.57 -9.98
CA LEU A 327 -10.41 -2.63 -10.90
C LEU A 327 -9.55 -3.36 -11.92
N THR A 328 -8.81 -4.38 -11.48
CA THR A 328 -7.99 -5.18 -12.40
C THR A 328 -8.87 -5.84 -13.46
N TRP A 329 -9.99 -6.42 -13.05
CA TRP A 329 -10.91 -7.07 -13.96
C TRP A 329 -11.57 -6.08 -14.93
N SER A 330 -11.84 -4.89 -14.45
CA SER A 330 -12.31 -3.81 -15.32
C SER A 330 -11.25 -3.46 -16.36
N ASN A 331 -9.98 -3.41 -15.95
CA ASN A 331 -8.87 -3.23 -16.89
C ASN A 331 -8.75 -4.36 -17.91
N ILE A 332 -8.98 -5.59 -17.48
CA ILE A 332 -8.94 -6.75 -18.38
C ILE A 332 -10.07 -6.64 -19.42
N ASP A 333 -11.27 -6.30 -18.97
CA ASP A 333 -12.40 -6.07 -19.88
C ASP A 333 -12.08 -5.01 -20.95
N ALA A 334 -11.35 -3.96 -20.57
CA ALA A 334 -10.96 -2.91 -21.52
C ALA A 334 -10.05 -3.45 -22.63
N ILE A 335 -9.06 -4.26 -22.26
CA ILE A 335 -8.17 -4.90 -23.24
C ILE A 335 -8.96 -5.84 -24.15
N THR A 336 -9.85 -6.62 -23.55
CA THR A 336 -10.68 -7.57 -24.29
C THR A 336 -11.51 -6.88 -25.38
N GLU A 337 -12.25 -5.84 -25.00
CA GLU A 337 -13.09 -5.13 -25.98
C GLU A 337 -12.25 -4.43 -27.06
N ARG A 338 -11.10 -3.90 -26.66
CA ARG A 338 -10.22 -3.13 -27.53
C ARG A 338 -9.44 -4.01 -28.51
N ALA A 339 -8.91 -5.13 -28.03
CA ALA A 339 -8.01 -5.99 -28.81
C ALA A 339 -8.64 -7.28 -29.32
N ASN A 340 -9.72 -7.73 -28.69
CA ASN A 340 -10.40 -8.97 -29.12
C ASN A 340 -9.45 -10.17 -29.11
N VAL A 341 -8.65 -10.27 -28.05
CA VAL A 341 -7.73 -11.39 -27.86
C VAL A 341 -8.11 -12.14 -26.59
N PRO A 342 -7.67 -13.41 -26.47
CA PRO A 342 -7.96 -14.14 -25.24
C PRO A 342 -7.09 -13.67 -24.07
N THR A 343 -7.53 -13.98 -22.86
CA THR A 343 -6.79 -13.66 -21.65
C THR A 343 -6.64 -14.93 -20.80
N VAL A 344 -5.46 -15.10 -20.21
CA VAL A 344 -5.23 -16.11 -19.18
C VAL A 344 -4.57 -15.42 -17.99
N ILE A 345 -5.12 -15.63 -16.80
CA ILE A 345 -4.52 -15.09 -15.58
C ILE A 345 -3.33 -16.00 -15.24
N THR A 346 -2.11 -15.56 -15.54
CA THR A 346 -0.95 -16.43 -15.44
C THR A 346 -0.35 -16.53 -14.02
N GLU A 347 -0.80 -15.68 -13.10
CA GLU A 347 -0.47 -15.81 -11.68
C GLU A 347 -1.56 -15.20 -10.80
N PHE A 348 -1.88 -15.88 -9.72
CA PHE A 348 -2.72 -15.38 -8.64
C PHE A 348 -2.54 -16.18 -7.36
N GLY A 349 -3.09 -15.67 -6.28
CA GLY A 349 -3.16 -16.34 -5.00
C GLY A 349 -1.96 -16.31 -4.08
N ASP A 350 -0.85 -16.94 -4.46
CA ASP A 350 0.35 -16.94 -3.64
C ASP A 350 0.10 -17.43 -2.21
N GLY A 351 -0.69 -18.50 -2.06
CA GLY A 351 -0.89 -19.14 -0.76
C GLY A 351 -1.97 -18.55 0.14
N ASP A 352 -2.58 -17.44 -0.27
CA ASP A 352 -3.60 -16.78 0.54
C ASP A 352 -4.99 -17.28 0.16
N PRO A 353 -5.63 -18.06 1.05
CA PRO A 353 -6.93 -18.64 0.70
C PRO A 353 -8.08 -17.63 0.67
N THR A 354 -7.90 -16.47 1.31
CA THR A 354 -8.98 -15.48 1.44
C THR A 354 -9.25 -14.68 0.17
N VAL A 355 -8.25 -14.57 -0.72
CA VAL A 355 -8.39 -13.75 -1.94
C VAL A 355 -8.76 -14.55 -3.18
N LEU A 356 -8.68 -15.86 -3.10
CA LEU A 356 -8.87 -16.73 -4.27
C LEU A 356 -10.19 -16.51 -4.97
N LYS A 357 -11.26 -16.34 -4.19
CA LYS A 357 -12.60 -16.17 -4.74
C LYS A 357 -12.69 -14.99 -5.69
N ASN A 358 -11.93 -13.93 -5.40
CA ASN A 358 -11.95 -12.72 -6.22
C ASN A 358 -11.52 -13.02 -7.65
N THR A 359 -10.47 -13.79 -7.82
CA THR A 359 -10.03 -14.25 -9.14
C THR A 359 -11.00 -15.28 -9.71
N LEU A 360 -11.34 -16.28 -8.91
CA LEU A 360 -12.11 -17.43 -9.39
C LEU A 360 -13.50 -17.05 -9.90
N ALA A 361 -14.22 -16.23 -9.15
CA ALA A 361 -15.57 -15.82 -9.54
C ALA A 361 -15.57 -14.91 -10.77
N ARG A 362 -14.63 -13.96 -10.80
CA ARG A 362 -14.55 -13.03 -11.93
C ARG A 362 -14.07 -13.74 -13.19
N ALA A 363 -13.17 -14.73 -13.01
CA ALA A 363 -12.72 -15.57 -14.12
C ALA A 363 -13.86 -16.42 -14.66
N ASP A 364 -14.62 -17.05 -13.77
CA ASP A 364 -15.81 -17.81 -14.18
C ASP A 364 -16.81 -16.95 -14.94
N GLU A 365 -16.97 -15.70 -14.52
CA GLU A 365 -17.87 -14.75 -15.18
C GLU A 365 -17.57 -14.50 -16.66
N ARG A 366 -16.28 -14.48 -16.99
CA ARG A 366 -15.83 -14.19 -18.36
C ARG A 366 -15.37 -15.44 -19.10
N PHE A 367 -15.42 -16.59 -18.44
CA PHE A 367 -14.92 -17.84 -18.99
C PHE A 367 -13.43 -17.70 -19.32
N ILE A 368 -12.68 -17.15 -18.37
CA ILE A 368 -11.24 -16.94 -18.52
C ILE A 368 -10.51 -17.97 -17.65
N GLY A 369 -9.45 -18.56 -18.21
CA GLY A 369 -8.65 -19.55 -17.51
C GLY A 369 -7.56 -18.94 -16.66
N TRP A 370 -6.90 -19.77 -15.86
CA TRP A 370 -5.92 -19.28 -14.89
C TRP A 370 -4.85 -20.28 -14.47
N GLN A 371 -3.76 -19.74 -13.94
CA GLN A 371 -2.66 -20.51 -13.39
C GLN A 371 -2.30 -19.98 -12.00
N TYR A 372 -2.48 -20.84 -11.00
CA TYR A 372 -2.26 -20.50 -9.61
C TYR A 372 -0.77 -20.47 -9.27
N TRP A 373 -0.37 -19.50 -8.45
CA TRP A 373 0.97 -19.44 -7.89
C TRP A 373 0.88 -19.91 -6.44
N HIS A 374 1.59 -20.96 -6.06
CA HIS A 374 2.53 -21.73 -6.86
C HIS A 374 2.47 -23.22 -6.47
N PHE A 375 2.92 -24.10 -7.34
CA PHE A 375 2.93 -25.54 -7.07
C PHE A 375 4.36 -26.08 -7.21
N GLY A 376 4.96 -26.45 -6.08
CA GLY A 376 6.35 -26.92 -6.05
C GLY A 376 6.50 -28.39 -6.35
N ALA A 377 7.72 -28.80 -6.70
CA ALA A 377 8.03 -30.20 -6.99
C ALA A 377 8.39 -30.96 -5.71
N GLY A 378 8.23 -32.28 -5.75
CA GLY A 378 8.58 -33.14 -4.63
C GLY A 378 7.62 -33.10 -3.45
N ASN A 379 6.32 -33.08 -3.74
CA ASN A 379 5.30 -33.09 -2.68
C ASN A 379 5.24 -34.44 -1.98
N ALA A 380 5.54 -34.46 -0.68
CA ALA A 380 5.37 -35.66 0.13
C ALA A 380 3.89 -35.87 0.45
N THR A 381 3.14 -34.77 0.45
CA THR A 381 1.70 -34.80 0.74
C THR A 381 0.94 -33.98 -0.30
N ASP A 382 -0.36 -34.28 -0.46
CA ASP A 382 -1.21 -33.54 -1.40
C ASP A 382 -1.57 -32.17 -0.83
N PRO A 383 -1.06 -31.08 -1.45
CA PRO A 383 -1.31 -29.74 -0.93
C PRO A 383 -2.69 -29.12 -1.27
N PHE A 384 -3.54 -29.84 -2.01
CA PHE A 384 -4.87 -29.32 -2.37
C PHE A 384 -6.00 -29.81 -1.45
N LEU A 385 -5.64 -30.33 -0.28
CA LEU A 385 -6.62 -30.91 0.65
C LEU A 385 -7.04 -29.94 1.76
N GLY A 386 -6.58 -28.70 1.70
CA GLY A 386 -6.93 -27.68 2.69
C GLY A 386 -7.79 -26.57 2.10
N GLU A 387 -7.70 -25.39 2.69
CA GLU A 387 -8.52 -24.25 2.31
C GLU A 387 -8.28 -23.75 0.89
N VAL A 388 -7.04 -23.77 0.44
CA VAL A 388 -6.69 -23.34 -0.92
C VAL A 388 -7.31 -24.29 -1.95
N GLY A 389 -7.02 -25.57 -1.81
CA GLY A 389 -7.46 -26.58 -2.79
C GLY A 389 -8.96 -26.74 -2.88
N ARG A 390 -9.67 -26.49 -1.78
CA ARG A 390 -11.13 -26.55 -1.78
C ARG A 390 -11.72 -25.58 -2.80
N GLN A 391 -11.02 -24.48 -3.07
CA GLN A 391 -11.46 -23.48 -4.03
C GLN A 391 -10.83 -23.64 -5.41
N LEU A 392 -9.59 -24.13 -5.45
CA LEU A 392 -8.90 -24.33 -6.73
C LEU A 392 -9.38 -25.58 -7.45
N VAL A 393 -9.70 -26.63 -6.71
CA VAL A 393 -10.22 -27.86 -7.30
C VAL A 393 -11.73 -27.72 -7.50
N ARG A 394 -12.15 -27.76 -8.75
CA ARG A 394 -13.52 -27.42 -9.12
C ARG A 394 -14.04 -28.34 -10.20
N THR A 395 -15.37 -28.42 -10.28
CA THR A 395 -16.04 -29.00 -11.43
C THR A 395 -16.10 -27.91 -12.49
N TYR A 396 -15.54 -28.19 -13.68
CA TYR A 396 -15.51 -27.17 -14.73
C TYR A 396 -15.37 -27.80 -16.12
N PRO A 397 -15.91 -27.11 -17.16
CA PRO A 397 -15.83 -27.60 -18.53
C PRO A 397 -14.44 -27.38 -19.12
N GLN A 398 -13.64 -28.44 -19.21
CA GLN A 398 -12.30 -28.36 -19.79
C GLN A 398 -12.36 -28.04 -21.27
N ALA A 399 -13.39 -28.56 -21.93
CA ALA A 399 -13.60 -28.31 -23.35
C ALA A 399 -15.08 -28.35 -23.66
N THR A 400 -15.55 -27.34 -24.39
CA THR A 400 -16.96 -27.22 -24.75
C THR A 400 -17.13 -27.29 -26.26
N ALA A 401 -17.98 -28.21 -26.71
CA ALA A 401 -18.36 -28.30 -28.11
C ALA A 401 -19.41 -27.24 -28.39
N GLY A 402 -19.00 -25.98 -28.34
CA GLY A 402 -19.93 -24.86 -28.50
C GLY A 402 -19.40 -23.55 -27.91
N GLU A 403 -20.25 -22.53 -27.92
CA GLU A 403 -19.91 -21.24 -27.38
C GLU A 403 -20.34 -21.21 -25.93
N PRO A 404 -19.39 -21.02 -25.02
CA PRO A 404 -19.73 -20.99 -23.59
C PRO A 404 -20.75 -19.91 -23.22
N GLY A 405 -21.75 -20.28 -22.43
CA GLY A 405 -22.67 -19.32 -21.82
C GLY A 405 -22.28 -19.18 -20.37
N ARG A 406 -23.25 -18.81 -19.52
CA ARG A 406 -22.99 -18.61 -18.08
C ARG A 406 -22.69 -19.90 -17.34
N MET A 407 -21.87 -19.76 -16.30
CA MET A 407 -21.37 -20.90 -15.54
C MET A 407 -21.32 -20.55 -14.06
N ILE A 408 -21.54 -21.54 -13.20
CA ILE A 408 -21.33 -21.32 -11.77
C ILE A 408 -20.89 -22.60 -11.06
N PHE A 409 -19.99 -22.44 -10.10
CA PHE A 409 -19.57 -23.52 -9.22
C PHE A 409 -19.59 -23.01 -7.78
N ASP A 410 -20.22 -23.78 -6.90
CA ASP A 410 -20.26 -23.49 -5.48
C ASP A 410 -19.19 -24.34 -4.81
N ALA A 411 -18.12 -23.69 -4.36
CA ALA A 411 -16.96 -24.38 -3.81
C ALA A 411 -17.19 -24.97 -2.41
N ASP A 412 -18.31 -24.62 -1.77
CA ASP A 412 -18.65 -25.21 -0.47
C ASP A 412 -19.31 -26.58 -0.62
N ASN A 413 -20.34 -26.68 -1.46
CA ASN A 413 -21.11 -27.92 -1.60
C ASN A 413 -21.00 -28.64 -2.96
N GLY A 414 -20.30 -28.03 -3.91
CA GLY A 414 -20.09 -28.65 -5.22
C GLY A 414 -21.15 -28.42 -6.27
N ASP A 415 -22.17 -27.61 -5.95
CA ASP A 415 -23.22 -27.30 -6.92
C ASP A 415 -22.60 -26.67 -8.18
N PHE A 416 -23.01 -27.17 -9.34
CA PHE A 416 -22.47 -26.71 -10.63
C PHE A 416 -23.57 -26.57 -11.67
N ALA A 417 -23.54 -25.48 -12.42
CA ALA A 417 -24.46 -25.28 -13.53
C ALA A 417 -23.77 -24.56 -14.69
N TYR A 418 -24.12 -24.94 -15.92
CA TYR A 418 -23.46 -24.42 -17.11
C TYR A 418 -24.40 -24.50 -18.30
N ARG A 419 -24.49 -23.41 -19.06
CA ARG A 419 -25.24 -23.39 -20.31
C ARG A 419 -24.31 -22.99 -21.44
N PHE A 420 -24.47 -23.62 -22.61
CA PHE A 420 -23.71 -23.23 -23.80
C PHE A 420 -24.51 -23.46 -25.07
N THR A 421 -24.04 -22.84 -26.16
CA THR A 421 -24.69 -22.96 -27.46
C THR A 421 -23.86 -23.92 -28.31
N PRO A 422 -24.45 -25.07 -28.69
CA PRO A 422 -23.69 -26.09 -29.42
C PRO A 422 -23.12 -25.62 -30.75
N ARG A 423 -21.93 -26.13 -31.08
CA ARG A 423 -21.36 -25.98 -32.41
C ARG A 423 -20.82 -27.34 -32.82
N ALA A 424 -20.71 -27.57 -34.13
CA ALA A 424 -20.16 -28.83 -34.61
C ALA A 424 -18.71 -28.97 -34.14
N ALA A 425 -18.39 -30.12 -33.58
CA ALA A 425 -17.06 -30.42 -33.08
C ALA A 425 -16.88 -31.91 -33.21
N THR A 426 -15.63 -32.37 -33.18
CA THR A 426 -15.33 -33.77 -33.40
C THR A 426 -15.13 -34.53 -32.09
N ARG A 427 -15.29 -33.83 -30.97
CA ARG A 427 -15.33 -34.44 -29.64
C ARG A 427 -16.46 -33.82 -28.83
N PRO A 428 -16.96 -34.58 -27.84
CA PRO A 428 -18.02 -34.05 -26.99
C PRO A 428 -17.49 -33.03 -25.98
N THR A 429 -18.42 -32.34 -25.33
CA THR A 429 -18.09 -31.45 -24.22
C THR A 429 -17.58 -32.29 -23.06
N GLU A 430 -16.44 -31.90 -22.49
CA GLU A 430 -15.85 -32.60 -21.35
C GLU A 430 -15.83 -31.70 -20.13
N ILE A 431 -16.43 -32.19 -19.04
CA ILE A 431 -16.48 -31.46 -17.78
C ILE A 431 -15.80 -32.29 -16.71
N PHE A 432 -14.73 -31.75 -16.12
CA PHE A 432 -14.07 -32.42 -15.01
C PHE A 432 -14.91 -32.26 -13.75
N VAL A 433 -15.11 -33.37 -13.04
CA VAL A 433 -15.89 -33.36 -11.81
C VAL A 433 -14.93 -33.41 -10.63
N SER A 434 -15.05 -32.45 -9.72
CA SER A 434 -14.18 -32.37 -8.55
C SER A 434 -14.10 -33.70 -7.79
N ASP A 435 -12.88 -34.11 -7.45
CA ASP A 435 -12.69 -35.30 -6.61
C ASP A 435 -12.80 -34.98 -5.11
N LEU A 436 -13.07 -33.73 -4.76
CA LEU A 436 -13.17 -33.33 -3.35
C LEU A 436 -14.59 -33.00 -2.87
N HIS A 437 -15.47 -32.60 -3.77
CA HIS A 437 -16.76 -32.03 -3.37
C HIS A 437 -17.93 -33.02 -3.32
N TYR A 438 -17.75 -34.25 -3.78
CA TYR A 438 -18.85 -35.19 -3.80
C TYR A 438 -18.54 -36.53 -3.14
N PRO A 439 -18.55 -36.53 -1.81
CA PRO A 439 -18.25 -37.73 -1.05
C PRO A 439 -19.21 -38.90 -1.29
N ASP A 440 -20.47 -38.62 -1.55
CA ASP A 440 -21.45 -39.67 -1.73
C ASP A 440 -21.77 -39.85 -3.20
N GLY A 441 -20.87 -39.40 -4.05
CA GLY A 441 -21.04 -39.49 -5.48
C GLY A 441 -21.75 -38.26 -5.99
N TYR A 442 -22.04 -38.23 -7.29
CA TYR A 442 -22.69 -37.06 -7.88
C TYR A 442 -23.82 -37.44 -8.84
N ALA A 443 -24.73 -36.49 -9.05
CA ALA A 443 -25.80 -36.63 -10.05
C ALA A 443 -25.60 -35.62 -11.18
N VAL A 444 -26.08 -35.97 -12.37
CA VAL A 444 -25.98 -35.11 -13.56
C VAL A 444 -27.34 -35.01 -14.25
N GLN A 445 -27.76 -33.78 -14.57
CA GLN A 445 -28.91 -33.56 -15.45
C GLN A 445 -28.48 -32.72 -16.63
N VAL A 446 -29.03 -33.03 -17.80
CA VAL A 446 -28.76 -32.27 -19.01
C VAL A 446 -30.09 -31.92 -19.68
N ASP A 447 -30.22 -30.66 -20.09
CA ASP A 447 -31.33 -30.24 -20.92
C ASP A 447 -30.77 -29.86 -22.29
N GLY A 448 -31.35 -30.43 -23.35
CA GLY A 448 -30.89 -30.20 -24.71
C GLY A 448 -29.70 -31.06 -25.10
N GLY A 449 -29.45 -32.13 -24.36
CA GLY A 449 -28.32 -33.03 -24.64
C GLY A 449 -28.33 -34.29 -23.79
N GLN A 450 -27.34 -35.15 -24.04
CA GLN A 450 -27.21 -36.44 -23.33
C GLN A 450 -25.85 -36.59 -22.64
N VAL A 451 -25.85 -37.18 -21.45
CA VAL A 451 -24.62 -37.61 -20.79
C VAL A 451 -24.22 -38.97 -21.37
N THR A 452 -23.04 -39.05 -21.95
CA THR A 452 -22.56 -40.29 -22.56
C THR A 452 -21.49 -40.99 -21.74
N SER A 453 -21.08 -40.39 -20.62
CA SER A 453 -20.07 -40.99 -19.75
C SER A 453 -20.73 -41.90 -18.70
N ALA A 454 -19.92 -42.74 -18.08
CA ALA A 454 -20.41 -43.72 -17.09
C ALA A 454 -20.67 -43.06 -15.73
N PRO A 455 -21.62 -43.62 -14.95
CA PRO A 455 -21.87 -43.17 -13.59
C PRO A 455 -20.60 -43.07 -12.75
N GLY A 456 -20.40 -41.93 -12.09
CA GLY A 456 -19.22 -41.72 -11.25
C GLY A 456 -17.93 -41.42 -12.01
N ALA A 457 -18.03 -41.18 -13.32
CA ALA A 457 -16.85 -40.90 -14.13
C ALA A 457 -16.15 -39.61 -13.72
N ARG A 458 -14.82 -39.66 -13.76
CA ARG A 458 -13.97 -38.50 -13.52
C ARG A 458 -14.33 -37.33 -14.44
N ILE A 459 -14.58 -37.63 -15.71
CA ILE A 459 -14.98 -36.65 -16.72
C ILE A 459 -16.40 -36.92 -17.18
N VAL A 460 -17.28 -35.92 -17.08
CA VAL A 460 -18.59 -35.99 -17.69
C VAL A 460 -18.49 -35.58 -19.16
N THR A 461 -19.04 -36.40 -20.04
CA THR A 461 -19.08 -36.11 -21.46
C THR A 461 -20.51 -35.84 -21.89
N VAL A 462 -20.73 -34.74 -22.61
CA VAL A 462 -22.06 -34.35 -23.03
C VAL A 462 -22.11 -34.12 -24.54
N VAL A 463 -23.13 -34.71 -25.17
CA VAL A 463 -23.40 -34.52 -26.60
C VAL A 463 -24.72 -33.75 -26.72
N ALA A 464 -24.74 -32.74 -27.58
CA ALA A 464 -25.92 -31.90 -27.75
C ALA A 464 -27.02 -32.61 -28.55
N ASP A 465 -28.28 -32.30 -28.22
CA ASP A 465 -29.42 -32.84 -28.95
C ASP A 465 -29.58 -32.22 -30.32
N GLY A 466 -29.27 -30.93 -30.42
CA GLY A 466 -29.38 -30.19 -31.68
C GLY A 466 -28.70 -28.85 -31.60
N SER A 467 -29.28 -27.86 -32.27
CA SER A 467 -28.73 -26.50 -32.29
C SER A 467 -29.12 -25.66 -31.07
N GLY A 468 -30.17 -26.07 -30.35
CA GLY A 468 -30.64 -25.32 -29.19
C GLY A 468 -29.66 -25.35 -28.03
N PRO A 469 -29.75 -24.38 -27.10
CA PRO A 469 -28.79 -24.33 -25.99
C PRO A 469 -28.83 -25.57 -25.08
N VAL A 470 -27.68 -25.93 -24.54
CA VAL A 470 -27.54 -27.07 -23.65
C VAL A 470 -27.32 -26.57 -22.23
N THR A 471 -28.00 -27.17 -21.25
CA THR A 471 -27.83 -26.82 -19.84
C THR A 471 -27.41 -28.05 -19.06
N VAL A 472 -26.30 -27.94 -18.33
CA VAL A 472 -25.80 -29.05 -17.51
C VAL A 472 -25.83 -28.66 -16.03
N LYS A 473 -26.32 -29.58 -15.21
CA LYS A 473 -26.24 -29.45 -13.76
C LYS A 473 -25.51 -30.66 -13.20
N ILE A 474 -24.55 -30.41 -12.31
CA ILE A 474 -23.86 -31.47 -11.59
C ILE A 474 -23.85 -31.10 -10.12
N ASN A 475 -24.20 -32.04 -9.26
CA ASN A 475 -24.27 -31.79 -7.83
C ASN A 475 -24.35 -33.08 -7.01
N ARG A 476 -24.24 -32.92 -5.69
CA ARG A 476 -24.49 -34.03 -4.77
C ARG A 476 -25.92 -34.52 -5.01
N PRO A 477 -26.17 -35.83 -4.89
CA PRO A 477 -27.50 -36.34 -5.21
C PRO A 477 -28.63 -35.73 -4.36
N GLY A 478 -28.31 -35.38 -3.11
CA GLY A 478 -29.30 -34.78 -2.21
C GLY A 478 -29.44 -33.28 -2.30
N SER A 479 -28.67 -32.64 -3.18
CA SER A 479 -28.74 -31.19 -3.35
C SER A 479 -29.78 -30.81 -4.40
N ALA A 480 -30.42 -29.67 -4.18
CA ALA A 480 -31.29 -29.07 -5.19
C ALA A 480 -30.49 -28.49 -6.36
N GLY A 481 -29.20 -28.25 -6.14
CA GLY A 481 -28.31 -27.79 -7.20
C GLY A 481 -28.37 -26.30 -7.42
N ALA A 482 -27.60 -25.82 -8.41
CA ALA A 482 -27.54 -24.40 -8.74
C ALA A 482 -28.32 -24.12 -10.02
N GLU A 483 -28.71 -22.85 -10.19
CA GLU A 483 -29.25 -22.37 -11.46
C GLU A 483 -28.17 -21.62 -12.21
N VAL A 484 -28.32 -21.55 -13.54
CA VAL A 484 -27.41 -20.77 -14.38
C VAL A 484 -27.66 -19.28 -14.11
N PRO A 485 -26.60 -18.50 -13.82
CA PRO A 485 -26.76 -17.07 -13.53
C PRO A 485 -27.41 -16.27 -14.67
N ALA B 38 -5.77 36.02 37.92
CA ALA B 38 -5.31 36.03 36.49
C ALA B 38 -4.54 34.75 36.17
N THR B 39 -4.99 34.05 35.13
CA THR B 39 -4.35 32.82 34.68
C THR B 39 -3.87 33.01 33.25
N PRO B 40 -2.78 33.79 33.07
CA PRO B 40 -2.21 33.93 31.74
C PRO B 40 -1.63 32.62 31.20
N ILE B 41 -1.49 32.54 29.89
CA ILE B 41 -0.84 31.39 29.26
C ILE B 41 0.60 31.28 29.77
N THR B 42 1.07 30.06 30.00
CA THR B 42 2.42 29.84 30.48
C THR B 42 3.19 28.92 29.52
N THR B 43 4.47 28.74 29.82
CA THR B 43 5.29 27.75 29.13
C THR B 43 4.83 26.36 29.52
N LEU B 44 5.15 25.38 28.70
CA LEU B 44 4.88 23.98 29.03
C LEU B 44 6.20 23.25 29.13
N GLN B 45 6.30 22.42 30.16
CA GLN B 45 7.52 21.73 30.50
C GLN B 45 7.22 20.24 30.54
N ALA B 46 8.02 19.46 29.83
CA ALA B 46 7.88 18.02 29.85
C ALA B 46 8.29 17.48 31.21
N ASP B 47 7.41 16.68 31.82
CA ASP B 47 7.74 15.95 33.03
C ASP B 47 7.37 14.51 32.75
N GLY B 48 8.37 13.73 32.36
CA GLY B 48 8.15 12.41 31.79
C GLY B 48 7.20 12.52 30.61
N THR B 49 6.09 11.82 30.70
CA THR B 49 5.08 11.77 29.65
C THR B 49 4.13 13.00 29.66
N HIS B 50 4.13 13.77 30.74
CA HIS B 50 3.22 14.91 30.90
C HIS B 50 3.80 16.21 30.35
N LEU B 51 2.90 17.08 29.89
CA LEU B 51 3.22 18.49 29.70
C LEU B 51 2.62 19.26 30.87
N VAL B 52 3.45 20.01 31.59
CA VAL B 52 3.06 20.65 32.84
C VAL B 52 3.18 22.15 32.68
N ASP B 53 2.13 22.88 33.06
CA ASP B 53 2.13 24.34 32.96
C ASP B 53 2.80 24.96 34.19
N GLY B 54 2.91 26.29 34.18
CA GLY B 54 3.56 27.02 35.27
C GLY B 54 2.81 27.00 36.60
N TYR B 55 1.56 26.53 36.57
CA TYR B 55 0.76 26.39 37.78
C TYR B 55 0.80 24.98 38.36
N GLY B 56 1.60 24.10 37.75
CA GLY B 56 1.72 22.71 38.19
C GLY B 56 0.65 21.77 37.67
N ARG B 57 -0.10 22.20 36.65
CA ARG B 57 -1.19 21.38 36.11
C ARG B 57 -0.77 20.64 34.85
N THR B 58 -1.29 19.42 34.68
CA THR B 58 -1.03 18.62 33.48
C THR B 58 -1.98 19.09 32.37
N VAL B 59 -1.41 19.39 31.21
CA VAL B 59 -2.16 20.05 30.13
C VAL B 59 -2.45 19.07 28.98
N LEU B 60 -3.70 19.11 28.49
CA LEU B 60 -4.10 18.38 27.30
C LEU B 60 -4.40 19.40 26.21
N LEU B 61 -3.79 19.23 25.04
CA LEU B 61 -3.91 20.19 23.94
C LEU B 61 -4.71 19.62 22.77
N HIS B 62 -5.82 20.27 22.43
CA HIS B 62 -6.61 19.95 21.25
C HIS B 62 -6.64 21.21 20.38
N GLY B 63 -6.26 21.07 19.12
CA GLY B 63 -6.28 22.24 18.26
C GLY B 63 -6.16 21.95 16.79
N VAL B 64 -5.58 22.91 16.07
CA VAL B 64 -5.59 22.90 14.63
C VAL B 64 -4.25 23.29 14.04
N ASN B 65 -4.07 22.96 12.77
CA ASN B 65 -2.95 23.46 11.97
C ASN B 65 -3.32 24.78 11.28
N ASN B 66 -2.35 25.68 11.20
CA ASN B 66 -2.45 26.90 10.38
C ASN B 66 -1.15 26.99 9.59
N VAL B 67 -1.13 26.28 8.46
CA VAL B 67 0.06 26.14 7.62
C VAL B 67 -0.32 26.39 6.17
N ASP B 68 0.29 27.40 5.55
CA ASP B 68 0.01 27.78 4.17
C ASP B 68 1.29 28.14 3.43
N LYS B 69 1.66 27.32 2.46
CA LYS B 69 2.87 27.52 1.68
C LYS B 69 2.82 28.81 0.83
N ASP B 70 1.62 29.29 0.54
CA ASP B 70 1.42 30.51 -0.26
C ASP B 70 1.43 31.80 0.56
N ALA B 71 1.74 31.72 1.85
CA ALA B 71 1.78 32.89 2.73
C ALA B 71 2.60 34.07 2.21
N PRO B 72 3.76 33.81 1.55
CA PRO B 72 4.57 34.92 1.01
C PRO B 72 3.89 35.77 -0.07
N TYR B 73 2.84 35.23 -0.70
CA TYR B 73 2.11 35.94 -1.76
C TYR B 73 0.83 36.61 -1.25
N LEU B 74 0.45 36.33 0.00
CA LEU B 74 -0.74 36.92 0.60
C LEU B 74 -0.37 38.13 1.44
N PRO B 75 -1.23 39.17 1.45
CA PRO B 75 -0.92 40.43 2.15
C PRO B 75 -0.74 40.28 3.67
N GLY B 77 -0.10 37.32 5.70
CA GLY B 77 0.22 36.00 5.18
C GLY B 77 -0.58 34.87 5.82
N GLU B 78 -0.10 34.38 6.95
CA GLU B 78 -0.76 33.31 7.72
C GLU B 78 -1.64 33.83 8.86
N THR B 79 -1.90 35.14 8.89
CA THR B 79 -2.67 35.74 9.97
C THR B 79 -4.09 35.18 9.98
N LEU B 80 -4.54 34.74 11.15
CA LEU B 80 -5.92 34.34 11.33
C LEU B 80 -6.69 35.59 11.72
N THR B 81 -7.89 35.74 11.17
CA THR B 81 -8.73 36.89 11.48
C THR B 81 -9.12 36.80 12.96
N PRO B 82 -9.49 37.92 13.57
CA PRO B 82 -10.04 37.85 14.94
C PRO B 82 -11.21 36.87 15.06
N GLN B 83 -12.01 36.77 13.99
CA GLN B 83 -13.14 35.83 13.95
C GLN B 83 -12.71 34.38 13.80
N ASP B 84 -11.66 34.14 13.01
CA ASP B 84 -11.05 32.81 12.95
C ASP B 84 -10.68 32.36 14.36
N ILE B 85 -10.07 33.27 15.12
CA ILE B 85 -9.65 32.97 16.48
C ILE B 85 -10.87 32.81 17.41
N ASP B 86 -11.91 33.61 17.19
CA ASP B 86 -13.18 33.45 17.92
C ASP B 86 -13.72 32.04 17.79
N ILE B 87 -13.70 31.53 16.56
CA ILE B 87 -14.17 30.17 16.27
C ILE B 87 -13.40 29.15 17.11
N LEU B 88 -12.08 29.28 17.14
CA LEU B 88 -11.23 28.37 17.90
C LEU B 88 -11.54 28.44 19.40
N VAL B 89 -11.70 29.67 19.90
CA VAL B 89 -11.98 29.90 21.33
C VAL B 89 -13.36 29.37 21.73
N ARG B 90 -14.36 29.66 20.91
CA ARG B 90 -15.73 29.21 21.13
C ARG B 90 -15.83 27.68 21.21
N HIS B 91 -14.96 26.99 20.47
CA HIS B 91 -14.97 25.53 20.43
C HIS B 91 -13.95 24.86 21.35
N GLY B 92 -13.27 25.66 22.19
CA GLY B 92 -12.42 25.13 23.25
C GLY B 92 -11.02 24.70 22.85
N PHE B 93 -10.64 24.97 21.61
CA PHE B 93 -9.30 24.63 21.14
C PHE B 93 -8.27 25.53 21.82
N ASN B 94 -7.15 24.95 22.22
CA ASN B 94 -6.12 25.66 22.98
C ASN B 94 -4.69 25.52 22.41
N THR B 95 -4.59 25.15 21.13
CA THR B 95 -3.29 25.06 20.47
C THR B 95 -3.39 25.27 18.95
N VAL B 96 -2.37 25.91 18.39
CA VAL B 96 -2.26 26.09 16.94
C VAL B 96 -0.85 25.72 16.49
N ARG B 97 -0.76 24.82 15.49
CA ARG B 97 0.51 24.50 14.84
C ARG B 97 0.67 25.51 13.72
N LEU B 98 1.59 26.46 13.91
CA LEU B 98 1.75 27.59 13.00
C LEU B 98 2.93 27.32 12.09
N GLY B 99 2.67 27.33 10.78
CA GLY B 99 3.68 26.99 9.80
C GLY B 99 4.72 28.06 9.62
N THR B 100 5.99 27.66 9.59
CA THR B 100 7.06 28.51 9.08
C THR B 100 7.88 27.65 8.11
N SER B 101 8.99 28.19 7.62
CA SER B 101 9.85 27.43 6.72
C SER B 101 11.26 27.99 6.70
N PHE B 102 12.20 27.10 6.38
CA PHE B 102 13.60 27.45 6.16
C PHE B 102 13.67 28.55 5.09
N ASP B 103 12.89 28.38 4.03
CA ASP B 103 12.84 29.35 2.93
C ASP B 103 12.45 30.75 3.41
N ALA B 104 11.41 30.83 4.24
CA ALA B 104 10.93 32.12 4.76
C ALA B 104 11.89 32.73 5.77
N LEU B 105 12.49 31.89 6.61
CA LEU B 105 13.43 32.36 7.63
C LEU B 105 14.75 32.84 7.04
N MET B 106 15.25 32.14 6.02
CA MET B 106 16.53 32.46 5.39
C MET B 106 16.42 32.40 3.86
N PRO B 107 15.85 33.45 3.25
CA PRO B 107 15.59 33.47 1.80
C PRO B 107 16.83 33.66 0.91
N GLN B 108 17.92 34.17 1.45
CA GLN B 108 19.22 34.14 0.77
C GLN B 108 20.21 33.36 1.62
N ARG B 109 21.26 32.85 0.97
CA ARG B 109 22.30 32.11 1.67
C ARG B 109 22.85 32.86 2.87
N GLY B 110 22.71 32.24 4.05
CA GLY B 110 23.26 32.78 5.28
C GLY B 110 22.62 34.05 5.82
N GLN B 111 21.44 34.41 5.33
CA GLN B 111 20.80 35.67 5.75
C GLN B 111 19.34 35.53 6.20
N ILE B 112 19.10 35.97 7.44
CA ILE B 112 17.78 35.89 8.07
C ILE B 112 16.88 37.04 7.63
N ASP B 113 15.60 36.72 7.43
CA ASP B 113 14.60 37.73 7.13
C ASP B 113 13.99 38.22 8.45
N GLU B 114 14.51 39.32 8.96
CA GLU B 114 14.04 39.90 10.22
C GLU B 114 12.64 40.46 10.10
N ALA B 115 12.30 40.96 8.91
CA ALA B 115 10.96 41.49 8.65
C ALA B 115 9.91 40.38 8.73
N TYR B 116 10.23 39.23 8.14
CA TYR B 116 9.36 38.06 8.24
C TYR B 116 9.19 37.63 9.69
N LEU B 117 10.29 37.62 10.44
CA LEU B 117 10.23 37.27 11.87
C LEU B 117 9.38 38.24 12.69
N ASP B 118 9.41 39.53 12.34
CA ASP B 118 8.49 40.52 12.93
C ASP B 118 7.04 40.14 12.67
N ARG B 119 6.72 39.78 11.43
CA ARG B 119 5.35 39.41 11.06
C ARG B 119 4.92 38.13 11.78
N LEU B 120 5.77 37.11 11.73
CA LEU B 120 5.49 35.84 12.39
C LEU B 120 5.21 36.03 13.87
N THR B 121 6.09 36.78 14.54
CA THR B 121 5.93 37.13 15.95
C THR B 121 4.59 37.82 16.22
N GLY B 122 4.20 38.72 15.32
CA GLY B 122 2.89 39.37 15.39
C GLY B 122 1.75 38.37 15.46
N VAL B 123 1.82 37.33 14.63
CA VAL B 123 0.80 36.29 14.60
C VAL B 123 0.83 35.47 15.89
N VAL B 124 2.04 35.12 16.35
CA VAL B 124 2.19 34.37 17.59
C VAL B 124 1.54 35.11 18.76
N ASP B 125 1.80 36.42 18.85
CA ASP B 125 1.27 37.25 19.94
C ASP B 125 -0.26 37.28 19.94
N ALA B 126 -0.85 37.40 18.76
CA ALA B 126 -2.32 37.42 18.62
C ALA B 126 -2.96 36.11 19.10
N LEU B 127 -2.29 34.99 18.83
CA LEU B 127 -2.80 33.68 19.20
C LEU B 127 -2.62 33.39 20.68
N THR B 128 -1.44 33.68 21.21
CA THR B 128 -1.13 33.43 22.62
C THR B 128 -1.94 34.34 23.55
N ALA B 129 -2.23 35.56 23.09
CA ALA B 129 -3.06 36.49 23.84
C ALA B 129 -4.49 35.95 24.06
N ARG B 130 -4.92 35.04 23.20
CA ARG B 130 -6.25 34.43 23.29
C ARG B 130 -6.20 32.98 23.81
N GLY B 131 -5.10 32.61 24.46
CA GLY B 131 -4.98 31.30 25.12
C GLY B 131 -4.56 30.14 24.24
N MET B 132 -4.00 30.41 23.06
CA MET B 132 -3.52 29.34 22.18
C MET B 132 -2.03 29.09 22.38
N HIS B 133 -1.67 27.86 22.73
CA HIS B 133 -0.27 27.45 22.73
C HIS B 133 0.16 27.25 21.28
N VAL B 134 1.23 27.95 20.89
CA VAL B 134 1.66 27.96 19.50
C VAL B 134 2.86 27.06 19.30
N LEU B 135 2.71 26.04 18.47
CA LEU B 135 3.81 25.21 18.05
C LEU B 135 4.32 25.74 16.72
N LEU B 136 5.61 26.05 16.66
CA LEU B 136 6.21 26.58 15.45
C LEU B 136 6.73 25.42 14.61
N ASP B 137 6.12 25.24 13.45
CA ASP B 137 6.35 24.08 12.62
C ASP B 137 7.25 24.45 11.43
N ASN B 138 8.47 23.93 11.44
CA ASN B 138 9.36 24.09 10.28
C ASN B 138 8.89 23.16 9.17
N HIS B 139 7.98 23.66 8.37
CA HIS B 139 7.32 22.91 7.33
C HIS B 139 8.03 22.71 5.99
N GLN B 140 7.73 21.59 5.37
CA GLN B 140 8.19 21.26 4.04
C GLN B 140 7.35 20.13 3.44
N ASP B 141 7.32 20.06 2.12
CA ASP B 141 6.71 18.99 1.39
C ASP B 141 7.55 18.90 0.13
N GLY B 142 8.03 17.71 -0.20
CA GLY B 142 8.81 17.50 -1.40
C GLY B 142 10.10 18.32 -1.43
N LEU B 143 10.64 18.59 -0.25
CA LEU B 143 11.92 19.24 -0.05
C LEU B 143 11.92 20.72 -0.43
N SER B 144 11.56 21.00 -1.67
CA SER B 144 11.69 22.31 -2.22
C SER B 144 10.73 22.61 -3.38
N LYS B 145 10.61 23.89 -3.65
CA LYS B 145 9.86 24.44 -4.75
C LYS B 145 10.42 23.93 -6.07
N ALA B 146 11.70 23.56 -6.06
CA ALA B 146 12.32 23.01 -7.26
C ALA B 146 11.59 21.75 -7.76
N TRP B 147 10.97 21.00 -6.87
CA TRP B 147 10.20 19.82 -7.28
C TRP B 147 8.70 20.05 -7.30
N GLY B 148 8.28 21.31 -7.19
CA GLY B 148 6.89 21.65 -7.04
C GLY B 148 6.46 21.60 -5.58
N GLY B 149 7.45 21.41 -4.72
CA GLY B 149 7.27 21.36 -3.29
C GLY B 149 7.41 22.69 -2.58
N ASN B 150 7.61 22.63 -1.27
CA ASN B 150 7.91 23.79 -0.44
C ASN B 150 8.85 23.45 0.72
N GLY B 151 9.50 24.46 1.27
CA GLY B 151 10.20 24.31 2.51
C GLY B 151 11.64 24.78 2.53
N PHE B 152 12.56 24.00 2.00
CA PHE B 152 13.95 24.39 1.90
C PHE B 152 14.11 25.42 0.78
N PRO B 153 14.88 26.48 0.99
CA PRO B 153 15.11 27.45 -0.08
C PRO B 153 15.96 26.78 -1.18
N GLU B 154 15.71 27.16 -2.42
CA GLU B 154 16.42 26.57 -3.55
C GLU B 154 17.93 26.77 -3.47
N TRP B 155 18.38 27.90 -2.92
CA TRP B 155 19.83 28.17 -2.79
C TRP B 155 20.54 27.11 -1.93
N ALA B 156 19.82 26.54 -0.97
CA ALA B 156 20.39 25.59 -0.01
C ALA B 156 20.58 24.17 -0.56
N ILE B 157 19.98 23.86 -1.72
CA ILE B 157 20.00 22.51 -2.28
C ILE B 157 20.57 22.55 -3.70
N GLU B 158 21.65 21.82 -3.91
CA GLU B 158 22.25 21.65 -5.23
C GLU B 158 21.44 20.86 -6.27
N SER B 159 20.86 19.76 -5.84
CA SER B 159 20.14 18.85 -6.72
C SER B 159 18.95 19.53 -7.41
N ARG B 160 18.75 19.19 -8.68
CA ARG B 160 17.62 19.70 -9.47
C ARG B 160 17.04 18.58 -10.33
N PRO B 161 15.71 18.59 -10.53
CA PRO B 161 15.14 17.55 -11.39
C PRO B 161 15.60 17.73 -12.83
N ARG B 162 15.79 16.61 -13.52
CA ARG B 162 16.25 16.62 -14.90
C ARG B 162 15.06 16.71 -15.85
N GLU B 163 15.31 17.13 -17.09
CA GLU B 163 14.25 17.41 -18.06
C GLU B 163 13.39 16.18 -18.38
N TRP B 164 14.04 15.03 -18.52
CA TRP B 164 13.36 13.77 -18.79
C TRP B 164 12.67 13.16 -17.56
N GLU B 165 13.04 13.61 -16.37
CA GLU B 165 12.64 12.97 -15.11
C GLU B 165 11.15 13.15 -14.80
N PRO B 166 10.37 12.05 -14.78
CA PRO B 166 8.94 12.17 -14.48
C PRO B 166 8.68 12.68 -13.07
N ASN B 167 7.75 13.63 -12.95
CA ASN B 167 7.36 14.20 -11.66
C ASN B 167 5.85 14.06 -11.47
N PRO B 168 5.42 13.08 -10.66
CA PRO B 168 3.99 12.86 -10.43
C PRO B 168 3.42 13.77 -9.34
N GLY B 169 4.22 14.67 -8.80
CA GLY B 169 3.79 15.54 -7.71
C GLY B 169 3.65 14.82 -6.38
N PHE B 170 3.07 15.51 -5.41
CA PHE B 170 2.86 14.97 -4.08
C PHE B 170 1.83 13.83 -4.14
N PRO B 171 2.08 12.72 -3.43
CA PRO B 171 3.23 12.38 -2.59
C PRO B 171 4.29 11.50 -3.27
N LEU B 172 4.04 11.06 -4.50
CA LEU B 172 4.94 10.11 -5.14
C LEU B 172 6.25 10.72 -5.66
N TYR B 173 6.37 12.05 -5.63
CA TYR B 173 7.61 12.67 -6.05
C TYR B 173 8.78 12.29 -5.13
N TYR B 174 8.46 11.81 -3.93
CA TYR B 174 9.48 11.31 -3.01
C TYR B 174 10.29 10.13 -3.57
N LEU B 175 9.83 9.54 -4.67
CA LEU B 175 10.55 8.49 -5.37
C LEU B 175 11.40 8.99 -6.55
N MET B 176 11.43 10.32 -6.77
CA MET B 176 12.25 10.89 -7.83
C MET B 176 13.72 10.86 -7.43
N PRO B 177 14.61 10.37 -8.33
CA PRO B 177 16.03 10.28 -7.98
C PRO B 177 16.64 11.61 -7.54
N SER B 178 16.30 12.69 -8.24
CA SER B 178 16.85 14.01 -7.93
C SER B 178 16.38 14.52 -6.57
N LEU B 179 15.12 14.25 -6.22
CA LEU B 179 14.57 14.66 -4.93
C LEU B 179 15.28 13.89 -3.81
N ASN B 180 15.45 12.58 -4.03
CA ASN B 180 16.22 11.76 -3.10
C ASN B 180 17.65 12.26 -2.90
N ALA B 181 18.32 12.64 -3.99
CA ALA B 181 19.67 13.21 -3.91
C ALA B 181 19.68 14.52 -3.12
N GLY B 182 18.62 15.31 -3.27
CA GLY B 182 18.42 16.50 -2.45
C GLY B 182 18.39 16.17 -0.97
N TRP B 183 17.60 15.18 -0.58
CA TRP B 183 17.54 14.74 0.82
C TRP B 183 18.90 14.22 1.30
N ASP B 184 19.65 13.55 0.43
CA ASP B 184 21.00 13.11 0.78
C ASP B 184 21.91 14.27 1.18
N GLU B 185 21.73 15.42 0.54
CA GLU B 185 22.49 16.62 0.90
C GLU B 185 22.17 17.10 2.31
N VAL B 186 20.92 16.91 2.73
CA VAL B 186 20.48 17.33 4.04
C VAL B 186 21.09 16.42 5.11
N TRP B 187 20.92 15.11 4.97
CA TRP B 187 21.39 14.16 5.99
C TRP B 187 22.90 14.00 6.01
N GLY B 188 23.53 14.18 4.86
CA GLY B 188 24.98 14.20 4.77
C GLY B 188 25.57 15.58 5.05
N ASN B 189 24.71 16.60 5.08
CA ASN B 189 25.12 17.98 5.28
C ASN B 189 26.21 18.36 4.30
N THR B 190 26.07 17.88 3.06
CA THR B 190 27.18 17.86 2.11
C THR B 190 27.55 19.26 1.58
N HIS B 191 26.65 20.22 1.72
CA HIS B 191 26.93 21.62 1.40
C HIS B 191 26.46 22.58 2.50
N GLY B 192 26.42 22.09 3.74
CA GLY B 192 26.15 22.92 4.90
C GLY B 192 24.70 23.33 5.13
N ALA B 193 23.76 22.66 4.47
CA ALA B 193 22.35 23.03 4.58
C ALA B 193 21.80 22.87 6.01
N LEU B 194 22.27 21.83 6.70
CA LEU B 194 21.92 21.63 8.12
C LEU B 194 22.50 22.71 9.02
N ASP B 195 23.72 23.16 8.70
CA ASP B 195 24.34 24.27 9.42
C ASP B 195 23.46 25.50 9.29
N HIS B 196 23.12 25.85 8.05
CA HIS B 196 22.25 26.99 7.79
C HIS B 196 20.86 26.84 8.43
N LEU B 197 20.30 25.63 8.39
CA LEU B 197 19.00 25.38 9.03
C LEU B 197 19.08 25.63 10.53
N GLY B 198 20.17 25.17 11.15
CA GLY B 198 20.42 25.44 12.56
C GLY B 198 20.43 26.93 12.89
N THR B 199 21.10 27.71 12.05
CA THR B 199 21.12 29.17 12.20
C THR B 199 19.70 29.73 12.07
N ALA B 200 18.96 29.26 11.07
CA ALA B 200 17.60 29.76 10.84
C ALA B 200 16.69 29.47 12.03
N LEU B 201 16.71 28.23 12.50
CA LEU B 201 15.88 27.84 13.65
C LEU B 201 16.36 28.49 14.94
N GLY B 202 17.67 28.72 15.04
CA GLY B 202 18.24 29.47 16.17
C GLY B 202 17.73 30.91 16.23
N ALA B 203 17.65 31.57 15.08
CA ALA B 203 17.13 32.93 15.01
C ALA B 203 15.64 32.99 15.36
N LEU B 204 14.87 32.00 14.90
CA LEU B 204 13.47 31.88 15.28
C LEU B 204 13.36 31.72 16.79
N ALA B 205 14.17 30.83 17.36
CA ALA B 205 14.15 30.57 18.79
C ALA B 205 14.52 31.80 19.61
N GLU B 206 15.57 32.49 19.19
CA GLU B 206 15.96 33.77 19.79
C GLU B 206 14.79 34.75 19.80
N ARG B 207 14.09 34.81 18.68
CA ARG B 207 13.02 35.76 18.48
C ARG B 207 11.82 35.58 19.41
N VAL B 208 11.51 34.34 19.76
CA VAL B 208 10.35 34.04 20.58
C VAL B 208 10.71 33.80 22.06
N GLU B 209 11.97 34.04 22.40
CA GLU B 209 12.43 33.92 23.78
C GLU B 209 11.65 34.90 24.65
N GLY B 210 11.13 34.41 25.77
CA GLY B 210 10.30 35.22 26.66
C GLY B 210 8.85 35.36 26.24
N LYS B 211 8.40 34.53 25.29
CA LYS B 211 6.99 34.43 24.95
C LYS B 211 6.47 33.10 25.48
N PRO B 212 5.79 33.12 26.64
CA PRO B 212 5.40 31.87 27.31
C PRO B 212 4.46 30.98 26.51
N GLY B 213 3.60 31.58 25.69
CA GLY B 213 2.60 30.83 24.93
C GLY B 213 3.14 29.99 23.79
N VAL B 214 4.42 30.17 23.47
CA VAL B 214 5.11 29.31 22.51
C VAL B 214 5.44 27.97 23.17
N MET B 215 4.83 26.90 22.69
CA MET B 215 5.01 25.57 23.27
C MET B 215 6.27 24.87 22.77
N GLY B 216 6.77 25.25 21.59
CA GLY B 216 8.04 24.74 21.09
C GLY B 216 8.29 24.98 19.62
N ILE B 217 9.41 24.45 19.14
CA ILE B 217 9.73 24.44 17.72
C ILE B 217 9.75 22.98 17.25
N GLU B 218 9.00 22.72 16.19
CA GLU B 218 9.00 21.41 15.54
C GLU B 218 10.06 21.45 14.46
N LEU B 219 11.10 20.63 14.61
CA LEU B 219 12.35 20.81 13.87
C LEU B 219 12.23 20.59 12.37
N LEU B 220 11.47 19.56 11.96
CA LEU B 220 11.21 19.35 10.55
C LEU B 220 9.98 18.51 10.30
N ASN B 221 9.11 18.99 9.40
CA ASN B 221 7.92 18.26 9.00
C ASN B 221 8.25 17.12 8.04
N GLU B 222 7.68 15.95 8.32
CA GLU B 222 7.77 14.77 7.45
C GLU B 222 9.14 14.58 6.77
N PRO B 223 10.18 14.31 7.58
CA PRO B 223 11.52 14.08 7.02
C PRO B 223 11.62 12.77 6.23
N TRP B 224 12.12 12.88 5.00
CA TRP B 224 12.27 11.73 4.10
C TRP B 224 13.73 11.26 4.15
N PRO B 225 13.96 9.95 4.31
CA PRO B 225 15.33 9.44 4.47
C PRO B 225 16.26 9.54 3.25
N GLY B 226 15.71 9.92 2.10
CA GLY B 226 16.52 10.07 0.90
C GLY B 226 16.86 8.70 0.33
N SER B 227 18.07 8.56 -0.20
CA SER B 227 18.47 7.37 -0.94
C SER B 227 18.53 6.07 -0.12
N ARG B 228 18.49 6.17 1.21
CA ARG B 228 18.46 4.96 2.05
C ARG B 228 17.06 4.59 2.56
N PHE B 229 16.01 5.15 1.96
CA PHE B 229 14.65 4.93 2.44
C PHE B 229 14.23 3.46 2.39
N LEU B 230 14.78 2.69 1.45
CA LEU B 230 14.46 1.25 1.36
C LEU B 230 14.98 0.45 2.55
N SER B 231 15.98 0.97 3.25
CA SER B 231 16.45 0.32 4.47
C SER B 231 15.42 0.38 5.60
N CYS B 232 14.40 1.25 5.46
CA CYS B 232 13.36 1.38 6.46
C CYS B 232 12.24 0.34 6.33
N PHE B 233 12.26 -0.46 5.25
CA PHE B 233 11.30 -1.54 5.06
C PHE B 233 12.02 -2.88 5.15
N PRO B 234 11.36 -3.92 5.69
CA PRO B 234 9.97 -4.01 6.11
C PRO B 234 9.68 -3.70 7.58
N ASN B 235 10.71 -3.38 8.37
CA ASN B 235 10.52 -3.16 9.80
C ASN B 235 11.42 -2.07 10.39
N GLY B 236 11.53 -0.94 9.69
CA GLY B 236 12.25 0.22 10.20
C GLY B 236 13.72 0.27 9.84
N CYS B 237 14.34 1.43 10.06
CA CYS B 237 15.75 1.67 9.71
C CYS B 237 16.54 2.18 10.91
N PRO B 238 17.04 1.28 11.74
CA PRO B 238 17.80 1.73 12.90
C PRO B 238 19.04 2.54 12.49
N ASP B 239 19.76 2.12 11.46
CA ASP B 239 20.94 2.89 11.07
C ASP B 239 20.64 4.31 10.59
N PHE B 240 19.63 4.47 9.74
CA PHE B 240 19.28 5.81 9.29
C PHE B 240 18.77 6.67 10.44
N ASP B 241 17.97 6.07 11.30
CA ASP B 241 17.44 6.82 12.43
C ASP B 241 18.53 7.27 13.39
N ARG B 242 19.65 6.55 13.43
CA ARG B 242 20.82 6.99 14.16
C ARG B 242 21.35 8.30 13.56
N THR B 243 21.46 8.34 12.24
CA THR B 243 21.86 9.55 11.52
C THR B 243 20.84 10.68 11.70
N TYR B 244 19.56 10.35 11.54
CA TYR B 244 18.47 11.32 11.72
C TYR B 244 18.44 11.89 13.14
N GLN B 245 18.58 11.02 14.13
CA GLN B 245 18.61 11.45 15.54
C GLN B 245 19.75 12.42 15.83
N ALA B 246 20.92 12.15 15.26
CA ALA B 246 22.07 13.03 15.44
C ALA B 246 21.85 14.39 14.76
N ALA B 247 21.15 14.38 13.64
CA ALA B 247 20.82 15.62 12.92
C ALA B 247 19.83 16.47 13.72
N MET B 248 18.81 15.82 14.28
CA MET B 248 17.83 16.51 15.12
C MET B 248 18.49 17.06 16.39
N GLN B 249 19.46 16.32 16.94
CA GLN B 249 20.23 16.80 18.09
C GLN B 249 21.06 18.02 17.72
N LYS B 250 21.66 18.00 16.54
CA LYS B 250 22.42 19.14 16.03
C LYS B 250 21.52 20.39 15.94
N LEU B 251 20.33 20.24 15.37
CA LEU B 251 19.38 21.33 15.28
C LEU B 251 18.91 21.77 16.67
N THR B 252 18.70 20.81 17.56
CA THR B 252 18.33 21.10 18.94
C THR B 252 19.41 21.95 19.62
N ASP B 253 20.66 21.58 19.42
CA ASP B 253 21.79 22.34 19.98
C ASP B 253 21.79 23.77 19.45
N ALA B 254 21.58 23.94 18.15
CA ALA B 254 21.53 25.26 17.53
C ALA B 254 20.40 26.13 18.09
N VAL B 255 19.25 25.51 18.34
CA VAL B 255 18.11 26.19 18.94
C VAL B 255 18.40 26.58 20.40
N ARG B 256 18.85 25.61 21.18
CA ARG B 256 19.06 25.79 22.62
C ARG B 256 20.21 26.75 22.94
N ALA B 257 21.15 26.92 22.01
CA ALA B 257 22.23 27.90 22.17
C ALA B 257 21.73 29.35 22.18
N GLN B 258 20.56 29.59 21.57
CA GLN B 258 19.92 30.90 21.56
C GLN B 258 18.78 31.03 22.57
N ASN B 259 18.10 29.92 22.85
CA ASN B 259 16.93 29.89 23.72
C ASN B 259 16.99 28.57 24.50
N PRO B 260 17.62 28.58 25.68
CA PRO B 260 18.03 27.34 26.34
C PRO B 260 16.91 26.48 26.92
N THR B 261 15.72 27.04 27.08
CA THR B 261 14.62 26.30 27.70
C THR B 261 13.48 25.93 26.74
N ILE B 262 13.51 26.40 25.49
CA ILE B 262 12.40 26.16 24.57
C ILE B 262 12.29 24.68 24.21
N PRO B 263 11.08 24.10 24.36
CA PRO B 263 10.91 22.70 23.98
C PRO B 263 11.07 22.50 22.48
N VAL B 264 11.57 21.31 22.11
CA VAL B 264 11.69 20.94 20.70
C VAL B 264 10.86 19.70 20.40
N TYR B 265 10.25 19.70 19.22
CA TYR B 265 9.35 18.64 18.81
C TYR B 265 10.02 17.88 17.66
N TRP B 266 10.20 16.58 17.86
CA TRP B 266 10.89 15.71 16.90
C TRP B 266 9.89 14.78 16.25
N GLU B 267 9.78 14.82 14.93
CA GLU B 267 8.94 13.88 14.21
C GLU B 267 9.72 12.58 13.97
N PRO B 268 9.01 11.46 13.76
CA PRO B 268 9.67 10.27 13.25
C PRO B 268 9.93 10.48 11.77
N ASN B 269 10.86 9.73 11.18
CA ASN B 269 11.07 9.83 9.74
C ASN B 269 9.79 9.35 9.05
N VAL B 270 9.47 9.92 7.90
CA VAL B 270 8.12 9.81 7.35
C VAL B 270 7.75 8.44 6.75
N THR B 271 8.68 7.48 6.74
CA THR B 271 8.28 6.10 6.40
C THR B 271 7.33 5.55 7.48
N TRP B 272 7.26 6.27 8.62
CA TRP B 272 6.18 6.16 9.60
C TRP B 272 4.78 6.13 8.97
N ASN B 273 4.54 7.00 8.01
CA ASN B 273 3.25 7.07 7.30
C ASN B 273 2.98 5.86 6.40
N GLN B 274 4.00 5.05 6.12
CA GLN B 274 3.82 3.77 5.45
C GLN B 274 3.98 2.61 6.45
N MET B 275 3.61 2.87 7.70
CA MET B 275 3.49 1.87 8.76
C MET B 275 4.81 1.32 9.34
N MET B 276 5.92 1.96 9.02
CA MET B 276 7.20 1.53 9.56
C MET B 276 7.43 2.15 10.94
N PRO B 277 7.99 1.37 11.90
CA PRO B 277 8.20 1.89 13.25
C PRO B 277 9.38 2.84 13.31
N SER B 278 9.41 3.70 14.32
CA SER B 278 10.52 4.61 14.54
C SER B 278 11.58 3.96 15.43
N ASN B 279 12.84 4.23 15.12
CA ASN B 279 13.94 3.80 15.96
C ASN B 279 14.59 4.99 16.68
N LEU B 280 13.84 6.05 16.91
CA LEU B 280 14.28 7.13 17.80
C LEU B 280 14.37 6.60 19.22
N PHE B 281 15.40 7.04 19.95
CA PHE B 281 15.59 6.72 21.35
C PHE B 281 15.51 5.22 21.63
N ALA B 282 16.22 4.43 20.83
CA ALA B 282 16.13 2.97 20.92
C ALA B 282 17.48 2.30 21.15
N PRO B 283 17.99 2.39 22.39
CA PRO B 283 19.20 1.62 22.70
C PRO B 283 18.95 0.13 22.52
N PRO B 284 19.98 -0.64 22.11
CA PRO B 284 21.36 -0.21 21.98
C PRO B 284 21.73 0.40 20.61
N VAL B 285 20.78 0.43 19.68
CA VAL B 285 21.10 0.73 18.29
C VAL B 285 21.13 2.22 17.98
N THR B 286 20.27 3.00 18.65
CA THR B 286 20.37 4.46 18.63
C THR B 286 20.49 4.95 20.08
N PRO B 287 21.10 6.13 20.30
CA PRO B 287 21.33 6.59 21.68
C PRO B 287 20.05 6.82 22.48
N ALA B 288 20.16 6.63 23.80
CA ALA B 288 19.07 6.98 24.71
C ALA B 288 18.87 8.49 24.69
N LEU B 289 17.66 8.92 25.00
CA LEU B 289 17.37 10.34 25.08
C LEU B 289 18.07 10.95 26.30
N THR B 290 18.93 11.93 26.04
CA THR B 290 19.69 12.62 27.08
C THR B 290 19.47 14.14 27.05
N THR B 291 18.49 14.57 26.26
CA THR B 291 18.19 15.98 26.05
C THR B 291 16.85 16.29 26.70
N ALA B 292 16.75 17.38 27.44
CA ALA B 292 15.52 17.72 28.15
C ALA B 292 14.47 18.37 27.24
N ASP B 293 13.20 18.20 27.59
CA ASP B 293 12.09 18.85 26.90
C ASP B 293 12.06 18.57 25.40
N VAL B 294 12.05 17.28 25.08
CA VAL B 294 11.85 16.82 23.71
C VAL B 294 10.47 16.18 23.66
N VAL B 295 9.66 16.58 22.68
CA VAL B 295 8.34 15.99 22.51
C VAL B 295 8.29 15.23 21.19
N PHE B 296 7.68 14.05 21.22
CA PHE B 296 7.51 13.24 20.02
C PHE B 296 6.31 13.76 19.23
N ALA B 297 6.48 13.90 17.91
CA ALA B 297 5.48 14.57 17.08
C ALA B 297 5.10 13.75 15.82
N PRO B 298 4.45 12.58 16.01
CA PRO B 298 4.06 11.78 14.87
C PRO B 298 2.79 12.30 14.20
N HIS B 299 2.55 11.86 12.97
CA HIS B 299 1.29 12.11 12.28
C HIS B 299 0.48 10.81 12.25
N ASP B 300 -0.83 10.96 12.14
CA ASP B 300 -1.75 9.81 12.07
C ASP B 300 -2.57 9.92 10.80
N TYR B 301 -2.14 9.23 9.76
CA TYR B 301 -2.86 9.21 8.49
C TYR B 301 -3.20 7.79 8.06
N CYS B 302 -4.24 7.67 7.24
CA CYS B 302 -4.73 6.39 6.76
C CYS B 302 -4.59 6.30 5.24
N ILE B 303 -3.73 5.40 4.77
CA ILE B 303 -3.53 5.16 3.34
C ILE B 303 -4.83 4.67 2.66
N PRO B 304 -5.47 3.61 3.19
CA PRO B 304 -6.74 3.13 2.62
C PRO B 304 -7.74 4.22 2.28
N SER B 305 -7.87 5.23 3.14
CA SER B 305 -8.74 6.38 2.88
C SER B 305 -8.43 7.03 1.55
N GLN B 306 -7.16 7.37 1.36
CA GLN B 306 -6.70 8.06 0.16
C GLN B 306 -7.01 7.24 -1.10
N LEU B 307 -6.70 5.95 -1.05
CA LEU B 307 -6.94 5.05 -2.19
C LEU B 307 -8.43 4.69 -2.32
N ALA B 316 -18.06 4.68 4.13
CA ALA B 316 -17.25 5.02 5.30
C ALA B 316 -16.12 4.03 5.49
N ARG B 318 -14.35 3.86 8.13
CA ARG B 318 -13.72 3.76 9.44
C ARG B 318 -13.00 2.43 9.60
N GLY B 319 -13.72 1.33 9.37
CA GLY B 319 -13.20 -0.02 9.59
C GLY B 319 -11.95 -0.36 8.80
N LEU B 320 -11.85 0.18 7.59
CA LEU B 320 -10.74 -0.12 6.69
C LEU B 320 -9.45 0.59 7.13
N CYS B 321 -9.60 1.65 7.93
CA CYS B 321 -8.46 2.40 8.45
C CYS B 321 -7.90 1.87 9.77
N VAL B 322 -8.70 1.09 10.50
CA VAL B 322 -8.32 0.62 11.83
C VAL B 322 -7.00 -0.16 11.86
N PRO B 323 -6.76 -1.05 10.87
CA PRO B 323 -5.51 -1.82 10.88
C PRO B 323 -4.25 -0.97 10.83
N GLN B 324 -4.24 0.08 10.00
CA GLN B 324 -3.11 1.00 9.96
C GLN B 324 -3.03 1.82 11.25
N GLN B 325 -4.16 2.34 11.71
CA GLN B 325 -4.16 3.24 12.86
C GLN B 325 -3.77 2.54 14.15
N ASP B 326 -4.22 1.30 14.34
CA ASP B 326 -3.78 0.49 15.49
C ASP B 326 -2.27 0.25 15.44
N LEU B 327 -1.73 0.08 14.25
CA LEU B 327 -0.29 -0.11 14.07
C LEU B 327 0.48 1.16 14.42
N THR B 328 0.03 2.29 13.88
CA THR B 328 0.60 3.60 14.19
C THR B 328 0.60 3.87 15.70
N TRP B 329 -0.51 3.56 16.37
CA TRP B 329 -0.64 3.85 17.79
C TRP B 329 0.14 2.90 18.69
N SER B 330 0.36 1.66 18.24
CA SER B 330 1.24 0.76 18.96
C SER B 330 2.70 1.17 18.75
N ASN B 331 3.00 1.73 17.58
CA ASN B 331 4.32 2.33 17.35
C ASN B 331 4.57 3.56 18.24
N ILE B 332 3.51 4.32 18.52
CA ILE B 332 3.59 5.42 19.48
C ILE B 332 3.83 4.89 20.90
N ASP B 333 3.11 3.83 21.28
CA ASP B 333 3.28 3.20 22.59
C ASP B 333 4.73 2.72 22.82
N ALA B 334 5.34 2.13 21.80
CA ALA B 334 6.75 1.70 21.89
C ALA B 334 7.65 2.86 22.31
N ILE B 335 7.50 3.98 21.62
CA ILE B 335 8.26 5.20 21.90
C ILE B 335 7.98 5.69 23.31
N THR B 336 6.71 5.81 23.67
CA THR B 336 6.30 6.26 25.00
C THR B 336 6.94 5.42 26.10
N GLU B 337 6.86 4.09 25.93
CA GLU B 337 7.34 3.17 26.95
C GLU B 337 8.84 3.24 27.15
N ARG B 338 9.61 3.36 26.07
CA ARG B 338 11.07 3.32 26.15
C ARG B 338 11.72 4.67 26.44
N ALA B 339 11.12 5.76 25.93
CA ALA B 339 11.70 7.09 26.04
C ALA B 339 11.12 7.92 27.18
N ASN B 340 9.89 7.59 27.59
CA ASN B 340 9.20 8.30 28.67
C ASN B 340 9.02 9.79 28.37
N VAL B 341 8.72 10.10 27.11
CA VAL B 341 8.49 11.48 26.69
C VAL B 341 7.04 11.70 26.29
N PRO B 342 6.59 12.98 26.26
CA PRO B 342 5.23 13.25 25.81
C PRO B 342 5.11 13.11 24.29
N THR B 343 3.87 12.92 23.83
CA THR B 343 3.57 12.86 22.41
C THR B 343 2.41 13.79 22.09
N VAL B 344 2.53 14.51 20.99
CA VAL B 344 1.44 15.29 20.42
C VAL B 344 1.29 14.89 18.96
N ILE B 345 0.07 14.54 18.56
CA ILE B 345 -0.22 14.20 17.17
C ILE B 345 -0.32 15.51 16.39
N THR B 346 0.75 15.87 15.67
CA THR B 346 0.83 17.21 15.09
C THR B 346 0.11 17.35 13.73
N GLU B 347 -0.27 16.22 13.11
CA GLU B 347 -1.19 16.24 11.97
C GLU B 347 -2.05 14.98 11.95
N PHE B 348 -3.34 15.16 11.75
CA PHE B 348 -4.23 14.07 11.38
C PHE B 348 -5.47 14.64 10.71
N GLY B 349 -6.26 13.77 10.09
CA GLY B 349 -7.48 14.16 9.42
C GLY B 349 -7.57 13.58 8.02
N ASP B 352 -12.96 11.66 5.60
CA ASP B 352 -14.10 10.90 6.09
C ASP B 352 -14.23 11.03 7.61
N PRO B 353 -15.27 11.73 8.09
CA PRO B 353 -15.51 11.93 9.53
C PRO B 353 -15.45 10.67 10.41
N THR B 354 -15.88 9.53 9.88
CA THR B 354 -15.89 8.27 10.66
C THR B 354 -14.50 7.76 11.02
N VAL B 355 -13.50 8.04 10.18
CA VAL B 355 -12.13 7.58 10.43
C VAL B 355 -11.47 8.37 11.57
N LEU B 356 -11.88 9.64 11.73
CA LEU B 356 -11.42 10.48 12.84
C LEU B 356 -11.68 9.83 14.19
N LYS B 357 -12.81 9.14 14.30
CA LYS B 357 -13.23 8.51 15.55
C LYS B 357 -12.17 7.53 16.09
N ASN B 358 -11.47 6.84 15.20
CA ASN B 358 -10.39 5.94 15.60
C ASN B 358 -9.27 6.69 16.31
N THR B 359 -8.76 7.72 15.64
CA THR B 359 -7.68 8.55 16.17
C THR B 359 -8.07 9.16 17.51
N LEU B 360 -9.25 9.77 17.56
CA LEU B 360 -9.69 10.49 18.75
C LEU B 360 -9.82 9.56 19.95
N ALA B 361 -10.35 8.36 19.72
CA ALA B 361 -10.50 7.36 20.79
C ALA B 361 -9.14 6.91 21.32
N ARG B 362 -8.21 6.60 20.42
CA ARG B 362 -6.88 6.16 20.83
C ARG B 362 -6.07 7.26 21.52
N ALA B 363 -6.27 8.50 21.09
CA ALA B 363 -5.66 9.65 21.75
C ALA B 363 -6.21 9.83 23.17
N ASP B 364 -7.53 9.72 23.32
CA ASP B 364 -8.18 9.82 24.63
C ASP B 364 -7.71 8.72 25.59
N GLU B 365 -7.57 7.51 25.07
CA GLU B 365 -7.08 6.36 25.85
C GLU B 365 -5.74 6.64 26.53
N ARG B 366 -4.90 7.41 25.85
CA ARG B 366 -3.54 7.69 26.32
C ARG B 366 -3.37 9.11 26.86
N PHE B 367 -4.46 9.88 26.89
CA PHE B 367 -4.43 11.29 27.29
C PHE B 367 -3.40 12.06 26.44
N ILE B 368 -3.46 11.85 25.14
CA ILE B 368 -2.54 12.46 24.20
C ILE B 368 -3.27 13.52 23.37
N GLY B 369 -2.63 14.68 23.23
CA GLY B 369 -3.20 15.81 22.51
C GLY B 369 -2.95 15.76 21.02
N TRP B 370 -3.52 16.71 20.29
CA TRP B 370 -3.46 16.68 18.83
C TRP B 370 -3.76 18.01 18.17
N GLN B 371 -3.32 18.11 16.91
CA GLN B 371 -3.61 19.25 16.05
C GLN B 371 -4.16 18.75 14.71
N TYR B 372 -5.42 19.07 14.45
CA TYR B 372 -6.13 18.63 13.24
C TYR B 372 -5.65 19.41 12.01
N TRP B 373 -5.55 18.75 10.86
CA TRP B 373 -4.91 19.36 9.69
C TRP B 373 -5.77 20.41 8.95
N HIS B 374 -7.01 20.09 8.63
CA HIS B 374 -7.82 20.96 7.77
C HIS B 374 -8.41 22.16 8.54
N PHE B 375 -7.58 23.17 8.80
CA PHE B 375 -8.06 24.48 9.23
C PHE B 375 -7.30 25.56 8.47
N GLY B 376 -7.97 26.66 8.16
CA GLY B 376 -7.37 27.74 7.38
C GLY B 376 -7.92 29.10 7.74
N ALA B 377 -7.21 30.14 7.31
CA ALA B 377 -7.62 31.51 7.55
C ALA B 377 -8.78 31.90 6.63
N GLY B 378 -9.55 32.90 7.05
CA GLY B 378 -10.63 33.44 6.23
C GLY B 378 -11.89 32.59 6.14
N ASN B 379 -12.33 32.04 7.28
CA ASN B 379 -13.56 31.25 7.32
C ASN B 379 -14.80 32.13 7.21
N ALA B 380 -15.53 31.98 6.11
CA ALA B 380 -16.82 32.67 5.92
C ALA B 380 -17.88 32.07 6.83
N THR B 381 -17.80 30.76 7.04
CA THR B 381 -18.71 30.04 7.91
C THR B 381 -17.90 29.24 8.92
N ASP B 382 -18.49 28.95 10.08
CA ASP B 382 -17.85 28.11 11.09
C ASP B 382 -17.74 26.67 10.57
N PRO B 383 -16.50 26.23 10.26
CA PRO B 383 -16.35 24.89 9.66
C PRO B 383 -16.51 23.73 10.64
N PHE B 384 -16.81 24.00 11.91
CA PHE B 384 -16.98 22.95 12.92
C PHE B 384 -18.43 22.59 13.22
N LEU B 385 -19.37 22.98 12.35
CA LEU B 385 -20.80 22.77 12.61
C LEU B 385 -21.41 21.57 11.87
N GLY B 386 -20.58 20.85 11.11
CA GLY B 386 -21.00 19.60 10.47
C GLY B 386 -20.43 18.38 11.19
N GLU B 387 -20.24 17.29 10.44
CA GLU B 387 -19.89 16.00 11.04
C GLU B 387 -18.48 15.92 11.62
N VAL B 388 -17.50 16.51 10.94
CA VAL B 388 -16.13 16.60 11.47
C VAL B 388 -16.09 17.31 12.83
N GLY B 389 -16.72 18.48 12.92
CA GLY B 389 -16.73 19.27 14.15
C GLY B 389 -17.43 18.58 15.31
N ARG B 390 -18.45 17.78 15.01
CA ARG B 390 -19.14 17.02 16.06
C ARG B 390 -18.17 16.07 16.77
N GLN B 391 -17.13 15.64 16.07
CA GLN B 391 -16.09 14.80 16.64
C GLN B 391 -14.93 15.60 17.25
N LEU B 392 -14.52 16.68 16.59
CA LEU B 392 -13.37 17.48 17.06
C LEU B 392 -13.70 18.39 18.24
N VAL B 393 -14.93 18.87 18.32
CA VAL B 393 -15.36 19.72 19.43
C VAL B 393 -15.88 18.83 20.54
N ARG B 394 -15.27 18.95 21.73
CA ARG B 394 -15.31 17.90 22.74
C ARG B 394 -15.23 18.54 24.12
N THR B 395 -15.85 17.88 25.08
CA THR B 395 -15.71 18.25 26.48
C THR B 395 -14.42 17.57 26.94
N TYR B 396 -13.44 18.36 27.38
CA TYR B 396 -12.15 17.80 27.76
C TYR B 396 -11.41 18.65 28.78
N PRO B 397 -10.56 18.02 29.61
CA PRO B 397 -9.80 18.74 30.61
C PRO B 397 -8.58 19.42 29.99
N GLN B 398 -8.66 20.74 29.83
CA GLN B 398 -7.55 21.52 29.29
C GLN B 398 -6.35 21.49 30.23
N ALA B 399 -6.62 21.60 31.52
CA ALA B 399 -5.57 21.59 32.54
C ALA B 399 -6.08 20.90 33.79
N THR B 400 -5.32 19.92 34.28
CA THR B 400 -5.71 19.15 35.46
C THR B 400 -4.73 19.40 36.60
N ALA B 401 -5.26 19.79 37.76
CA ALA B 401 -4.45 19.94 38.96
C ALA B 401 -4.20 18.56 39.58
N GLY B 402 -3.44 17.74 38.87
CA GLY B 402 -3.25 16.36 39.26
C GLY B 402 -2.79 15.45 38.15
N GLU B 403 -2.71 14.16 38.48
CA GLU B 403 -2.30 13.11 37.56
C GLU B 403 -3.55 12.59 36.86
N PRO B 404 -3.62 12.74 35.53
CA PRO B 404 -4.82 12.27 34.84
C PRO B 404 -5.06 10.78 34.97
N GLY B 405 -6.30 10.40 35.27
CA GLY B 405 -6.74 9.02 35.17
C GLY B 405 -7.46 8.85 33.84
N ARG B 406 -8.38 7.91 33.79
CA ARG B 406 -9.09 7.61 32.55
C ARG B 406 -10.14 8.66 32.25
N MET B 407 -10.38 8.85 30.95
CA MET B 407 -11.26 9.88 30.44
C MET B 407 -12.08 9.30 29.29
N ILE B 408 -13.34 9.68 29.22
CA ILE B 408 -14.23 9.22 28.15
C ILE B 408 -15.14 10.35 27.69
N PHE B 409 -15.24 10.52 26.37
CA PHE B 409 -16.19 11.46 25.78
C PHE B 409 -16.98 10.79 24.67
N ASP B 410 -18.30 10.87 24.77
CA ASP B 410 -19.19 10.36 23.72
C ASP B 410 -19.56 11.53 22.83
N ALA B 411 -19.02 11.54 21.60
CA ALA B 411 -19.22 12.64 20.66
C ALA B 411 -20.59 12.64 20.00
N ASP B 412 -21.41 11.63 20.28
CA ASP B 412 -22.78 11.59 19.76
C ASP B 412 -23.77 12.26 20.72
N ASN B 413 -23.66 12.01 22.02
CA ASN B 413 -24.61 12.60 22.99
C ASN B 413 -24.00 13.50 24.08
N GLY B 414 -22.68 13.64 24.08
CA GLY B 414 -22.00 14.55 25.02
C GLY B 414 -21.64 13.97 26.38
N ASP B 415 -21.93 12.69 26.62
CA ASP B 415 -21.53 12.04 27.88
C ASP B 415 -20.04 12.19 28.10
N PHE B 416 -19.65 12.62 29.30
CA PHE B 416 -18.26 12.83 29.65
C PHE B 416 -18.01 12.35 31.08
N ALA B 417 -16.91 11.64 31.28
CA ALA B 417 -16.46 11.27 32.61
C ALA B 417 -14.94 11.32 32.66
N TYR B 418 -14.41 11.63 33.84
CA TYR B 418 -12.96 11.82 34.01
C TYR B 418 -12.59 11.65 35.48
N ARG B 419 -11.53 10.90 35.74
CA ARG B 419 -11.00 10.74 37.08
C ARG B 419 -9.56 11.22 37.10
N PHE B 420 -9.14 11.79 38.23
CA PHE B 420 -7.74 12.16 38.40
C PHE B 420 -7.34 12.15 39.89
N THR B 421 -6.02 12.05 40.11
CA THR B 421 -5.47 12.09 41.46
C THR B 421 -4.95 13.50 41.69
N PRO B 422 -5.50 14.21 42.69
CA PRO B 422 -5.06 15.59 42.94
C PRO B 422 -3.58 15.70 43.26
N ARG B 423 -2.97 16.80 42.83
CA ARG B 423 -1.60 17.15 43.23
C ARG B 423 -1.59 18.63 43.61
N ALA B 424 -0.49 19.06 44.22
CA ALA B 424 -0.28 20.47 44.54
C ALA B 424 -0.22 21.29 43.25
N ALA B 425 -1.13 22.25 43.11
CA ALA B 425 -1.16 23.16 41.97
C ALA B 425 -1.68 24.50 42.44
N THR B 426 -1.32 25.56 41.72
CA THR B 426 -1.70 26.92 42.11
C THR B 426 -2.93 27.44 41.36
N ARG B 427 -3.54 26.59 40.53
CA ARG B 427 -4.81 26.89 39.87
C ARG B 427 -5.67 25.63 39.85
N PRO B 428 -7.00 25.78 39.75
CA PRO B 428 -7.86 24.60 39.73
C PRO B 428 -7.86 23.87 38.39
N THR B 429 -8.46 22.69 38.37
CA THR B 429 -8.68 21.94 37.14
C THR B 429 -9.68 22.69 36.27
N GLU B 430 -9.38 22.80 34.98
CA GLU B 430 -10.26 23.47 34.02
C GLU B 430 -10.69 22.52 32.93
N ILE B 431 -11.99 22.26 32.86
CA ILE B 431 -12.57 21.39 31.84
C ILE B 431 -13.40 22.23 30.88
N PHE B 432 -13.04 22.23 29.60
CA PHE B 432 -13.85 22.90 28.59
C PHE B 432 -15.07 22.05 28.29
N VAL B 433 -16.23 22.69 28.18
CA VAL B 433 -17.48 22.01 27.90
C VAL B 433 -17.90 22.34 26.47
N SER B 434 -18.09 21.30 25.65
CA SER B 434 -18.48 21.46 24.26
C SER B 434 -19.66 22.43 24.10
N ASP B 435 -19.51 23.39 23.19
CA ASP B 435 -20.59 24.32 22.88
C ASP B 435 -21.57 23.75 21.86
N LEU B 436 -21.38 22.49 21.44
CA LEU B 436 -22.24 21.86 20.44
C LEU B 436 -23.10 20.70 20.92
N HIS B 437 -22.73 20.06 22.03
CA HIS B 437 -23.32 18.78 22.40
C HIS B 437 -24.44 18.84 23.45
N TYR B 438 -24.69 20.02 24.01
CA TYR B 438 -25.67 20.17 25.09
C TYR B 438 -26.69 21.27 24.75
N PRO B 439 -27.62 20.98 23.83
CA PRO B 439 -28.59 21.98 23.39
C PRO B 439 -29.54 22.47 24.49
N ASP B 440 -29.76 21.65 25.52
CA ASP B 440 -30.64 22.03 26.64
C ASP B 440 -29.86 22.32 27.92
N GLY B 441 -28.59 22.71 27.78
CA GLY B 441 -27.71 22.92 28.93
C GLY B 441 -27.07 21.62 29.38
N TYR B 442 -26.16 21.71 30.35
CA TYR B 442 -25.46 20.53 30.85
C TYR B 442 -25.56 20.42 32.36
N ALA B 443 -25.44 19.19 32.84
CA ALA B 443 -25.39 18.91 34.28
C ALA B 443 -24.00 18.41 34.63
N VAL B 444 -23.54 18.73 35.83
CA VAL B 444 -22.22 18.31 36.30
C VAL B 444 -22.33 17.70 37.68
N GLN B 445 -21.55 16.66 37.91
CA GLN B 445 -21.43 16.05 39.23
C GLN B 445 -19.97 15.73 39.50
N VAL B 446 -19.53 15.99 40.73
CA VAL B 446 -18.14 15.74 41.13
C VAL B 446 -18.11 14.98 42.45
N ASP B 447 -17.33 13.89 42.47
CA ASP B 447 -17.08 13.16 43.70
C ASP B 447 -15.63 13.40 44.09
N GLY B 448 -15.40 13.70 45.36
CA GLY B 448 -14.07 14.04 45.87
C GLY B 448 -13.63 15.46 45.56
N GLY B 449 -14.58 16.30 45.16
CA GLY B 449 -14.29 17.69 44.82
C GLY B 449 -15.56 18.45 44.54
N GLN B 450 -15.42 19.73 44.19
CA GLN B 450 -16.59 20.55 43.90
C GLN B 450 -16.37 21.51 42.73
N VAL B 451 -17.48 21.83 42.06
CA VAL B 451 -17.50 22.77 40.95
C VAL B 451 -17.59 24.18 41.51
N THR B 452 -16.75 25.09 41.00
CA THR B 452 -16.74 26.48 41.44
C THR B 452 -17.21 27.47 40.36
N SER B 453 -17.48 26.96 39.16
CA SER B 453 -17.92 27.79 38.03
C SER B 453 -19.44 27.91 37.97
N ALA B 454 -19.92 28.83 37.14
CA ALA B 454 -21.36 29.11 37.03
C ALA B 454 -22.09 28.07 36.17
N PRO B 455 -23.40 27.86 36.43
CA PRO B 455 -24.20 27.02 35.54
C PRO B 455 -24.11 27.51 34.10
N GLY B 456 -23.92 26.58 33.16
CA GLY B 456 -23.82 26.90 31.74
C GLY B 456 -22.53 27.53 31.28
N ALA B 457 -21.52 27.61 32.16
CA ALA B 457 -20.23 28.21 31.80
C ALA B 457 -19.49 27.35 30.80
N ARG B 458 -18.68 27.99 29.94
CA ARG B 458 -17.92 27.24 28.93
C ARG B 458 -16.77 26.45 29.55
N ILE B 459 -16.25 26.93 30.69
CA ILE B 459 -15.22 26.22 31.45
C ILE B 459 -15.78 25.80 32.81
N VAL B 460 -15.70 24.50 33.10
CA VAL B 460 -16.00 23.97 34.43
C VAL B 460 -14.70 23.97 35.23
N THR B 461 -14.71 24.64 36.38
CA THR B 461 -13.55 24.67 37.26
C THR B 461 -13.79 23.76 38.46
N VAL B 462 -12.79 22.94 38.80
CA VAL B 462 -12.94 21.95 39.87
C VAL B 462 -11.82 22.06 40.88
N VAL B 463 -12.19 22.02 42.16
CA VAL B 463 -11.25 22.09 43.28
C VAL B 463 -11.39 20.79 44.07
N ALA B 464 -10.27 20.13 44.33
CA ALA B 464 -10.28 18.85 45.05
C ALA B 464 -10.58 19.05 46.54
N ASP B 465 -11.28 18.09 47.13
CA ASP B 465 -11.59 18.10 48.57
C ASP B 465 -10.35 17.74 49.39
N GLY B 466 -9.55 16.81 48.87
CA GLY B 466 -8.34 16.36 49.56
C GLY B 466 -7.39 15.66 48.62
N SER B 467 -6.79 14.57 49.09
CA SER B 467 -5.83 13.81 48.30
C SER B 467 -6.47 12.61 47.58
N GLY B 468 -7.73 12.31 47.87
CA GLY B 468 -8.43 11.19 47.24
C GLY B 468 -8.78 11.50 45.79
N PRO B 469 -9.13 10.45 45.01
CA PRO B 469 -9.41 10.68 43.59
C PRO B 469 -10.66 11.55 43.37
N VAL B 470 -10.63 12.36 42.32
CA VAL B 470 -11.75 13.22 41.96
C VAL B 470 -12.39 12.65 40.71
N THR B 471 -13.71 12.49 40.71
CA THR B 471 -14.42 12.01 39.53
C THR B 471 -15.43 13.05 39.06
N VAL B 472 -15.33 13.41 37.79
CA VAL B 472 -16.18 14.44 37.19
C VAL B 472 -17.03 13.82 36.11
N LYS B 473 -18.33 14.05 36.18
CA LYS B 473 -19.25 13.64 35.14
C LYS B 473 -19.97 14.86 34.60
N ILE B 474 -20.02 14.96 33.27
CA ILE B 474 -20.74 16.04 32.59
C ILE B 474 -21.58 15.39 31.49
N ASN B 475 -22.85 15.79 31.42
CA ASN B 475 -23.77 15.20 30.45
C ASN B 475 -25.03 16.01 30.29
N ARG B 476 -25.84 15.63 29.31
CA ARG B 476 -27.17 16.22 29.14
C ARG B 476 -28.01 15.92 30.37
N PRO B 477 -28.87 16.88 30.78
CA PRO B 477 -29.76 16.61 31.91
C PRO B 477 -30.66 15.41 31.61
N GLY B 478 -30.70 14.46 32.54
CA GLY B 478 -31.52 13.27 32.36
C GLY B 478 -30.77 12.06 31.83
N SER B 479 -29.62 12.29 31.19
CA SER B 479 -28.78 11.18 30.72
C SER B 479 -28.17 10.46 31.91
N ALA B 480 -28.04 9.14 31.81
CA ALA B 480 -27.35 8.36 32.82
C ALA B 480 -25.84 8.65 32.83
N GLY B 481 -25.36 9.22 31.73
CA GLY B 481 -23.99 9.73 31.67
C GLY B 481 -22.99 8.64 31.39
N ALA B 482 -21.71 9.02 31.40
CA ALA B 482 -20.61 8.09 31.18
C ALA B 482 -20.10 7.58 32.52
N GLU B 483 -19.30 6.52 32.45
CA GLU B 483 -18.59 5.99 33.60
C GLU B 483 -17.11 5.87 33.25
N VAL B 484 -16.25 6.02 34.25
CA VAL B 484 -14.81 6.01 34.03
C VAL B 484 -14.33 4.59 33.71
N PRO B 485 -13.65 4.40 32.56
CA PRO B 485 -13.11 3.10 32.16
C PRO B 485 -12.27 2.41 33.24
C1 EDO C . 2.19 -8.50 -15.35
O1 EDO C . 3.29 -7.58 -15.33
C2 EDO C . 1.46 -8.44 -14.02
O2 EDO C . 0.06 -8.52 -14.23
C1 EDO D . -10.90 -36.92 -10.16
O1 EDO D . -9.84 -37.15 -11.10
C2 EDO D . -12.27 -37.00 -10.83
O2 EDO D . -13.33 -36.59 -9.97
C1 EDO E . -7.37 -30.18 -26.35
O1 EDO E . -6.13 -30.80 -26.01
C2 EDO E . -8.27 -30.12 -25.12
O2 EDO E . -7.64 -29.31 -24.12
C1 EDO F . -2.59 -36.75 -24.74
O1 EDO F . -1.44 -37.15 -25.47
C2 EDO F . -2.49 -37.11 -23.28
O2 EDO F . -3.75 -36.79 -22.65
C1 EDO G . -7.09 -0.09 -20.04
O1 EDO G . -6.41 0.78 -20.95
C2 EDO G . -6.48 -1.49 -20.09
O2 EDO G . -5.67 -1.73 -18.94
C1 EDO H . 2.28 -35.54 -27.29
O1 EDO H . 1.33 -34.86 -28.10
C2 EDO H . 1.76 -35.62 -25.87
O2 EDO H . 2.56 -36.51 -25.08
C1 EDO I . -28.15 -39.50 -14.21
O1 EDO I . -27.80 -39.90 -15.55
C2 EDO I . -26.91 -39.51 -13.33
O2 EDO I . -27.05 -38.54 -12.29
C1 EDO J . 15.01 -21.92 -15.09
O1 EDO J . 14.74 -20.56 -15.43
C2 EDO J . 13.92 -22.79 -15.67
O2 EDO J . 14.16 -24.17 -15.42
C1 EDO K . 5.79 -7.56 -7.88
O1 EDO K . 4.86 -8.63 -8.11
C2 EDO K . 5.39 -6.35 -8.71
O2 EDO K . 4.26 -5.68 -8.13
C1 EDO L . 5.08 6.90 -20.23
O1 EDO L . 6.49 6.99 -20.23
C2 EDO L . 4.56 8.07 -21.03
O2 EDO L . 3.16 8.18 -20.87
C1 EDO M . 19.11 -24.84 -30.97
O1 EDO M . 19.88 -23.89 -30.24
C2 EDO M . 17.78 -25.08 -30.26
O2 EDO M . 17.60 -26.46 -29.92
NA NA N . 17.40 -25.14 -9.20
C1 EDO O . 22.41 4.89 7.23
O1 EDO O . 21.14 5.15 6.61
C2 EDO O . 23.32 6.11 7.08
O2 EDO O . 22.60 7.32 7.34
C1 EDO P . 9.93 27.18 -0.55
O1 EDO P . 8.53 26.97 -0.33
C2 EDO P . 10.56 25.95 -1.19
O2 EDO P . 11.71 26.28 -1.98
C1 EDO Q . 13.25 12.34 29.10
O1 EDO Q . 14.64 12.00 29.20
C2 EDO Q . 12.39 11.24 29.69
O2 EDO Q . 11.90 11.62 30.98
C1 EDO R . -0.56 15.37 27.41
O1 EDO R . -0.27 14.10 26.82
C2 EDO R . -0.35 15.30 28.93
O2 EDO R . 0.26 16.51 29.40
C1 EDO S . 0.77 11.06 -7.44
O1 EDO S . 1.75 11.70 -6.64
C2 EDO S . -0.41 11.99 -7.68
O2 EDO S . -0.94 12.48 -6.43
C1 EDO T . -4.61 0.61 19.45
O1 EDO T . -4.85 0.85 20.85
C2 EDO T . -3.16 0.17 19.20
O2 EDO T . -2.60 -0.50 20.33
C1 EDO U . 9.79 4.94 9.97
O1 EDO U . 10.90 4.04 9.99
C2 EDO U . 9.56 5.56 11.35
O2 EDO U . 9.91 6.94 11.40
C1 EDO V . 20.19 12.58 21.10
O1 EDO V . 20.82 11.35 20.74
C2 EDO V . 19.13 12.33 22.16
O2 EDO V . 19.55 12.78 23.45
#